data_6VE1
#
_entry.id   6VE1
#
_cell.length_a   93.480
_cell.length_b   99.480
_cell.length_c   135.120
_cell.angle_alpha   90.000
_cell.angle_beta   90.000
_cell.angle_gamma   90.000
#
_symmetry.space_group_name_H-M   'P 21 2 21'
#
loop_
_entity.id
_entity.type
_entity.pdbx_description
1 polymer 'Endo-beta-N-acetylglucosaminidase H'
2 non-polymer 'MAGNESIUM ION'
3 water water
#
_entity_poly.entity_id   1
_entity_poly.type   'polypeptide(L)'
_entity_poly.pdbx_seq_one_letter_code
;SLSTGCYMVKQGPTSVAYVEVNNNSMLNVGKYTLADGGGNAFDVAVIFAANINYDTGTKTAYLHFNENVQRVLDNAVTQI
RPLQQQGIKVLLSVLGNHQGAGFANFPSQQAASAFAKQLSDAVAKYGLDGVDFDDEYAEYGNNGTAQPNDSSFVHLVTAL
RANMPDKIISLYNIGPAASRLSYGGVDVSDKFDYAWNPYYGTWQVPGIALPKAQLSPAAVEIGRTSRSTVADLARRTVDE
GYGVYLTYNLDGGDRTADVSAFTRELYGSEAVRTPHHHHHH
;
_entity_poly.pdbx_strand_id   A,B,C,D
#
loop_
_chem_comp.id
_chem_comp.type
_chem_comp.name
_chem_comp.formula
MG non-polymer 'MAGNESIUM ION' 'Mg 2'
#
# COMPACT_ATOMS: atom_id res chain seq x y z
N VAL A 9 11.64 -11.16 32.34
CA VAL A 9 11.34 -12.52 31.89
C VAL A 9 10.42 -12.48 30.67
N LYS A 10 9.55 -11.45 30.59
CA LYS A 10 8.83 -11.18 29.35
C LYS A 10 9.82 -11.06 28.20
N GLN A 11 9.36 -11.37 26.99
CA GLN A 11 10.35 -11.35 25.89
C GLN A 11 9.97 -10.48 24.70
N GLY A 12 8.70 -10.45 24.29
CA GLY A 12 8.30 -9.82 23.04
C GLY A 12 8.64 -8.34 22.86
N PRO A 13 7.97 -7.70 21.92
CA PRO A 13 8.32 -6.33 21.57
C PRO A 13 8.02 -5.29 22.67
N THR A 14 8.61 -4.11 22.49
CA THR A 14 8.48 -3.01 23.44
C THR A 14 7.15 -2.32 23.28
N SER A 15 6.38 -2.31 24.35
CA SER A 15 5.06 -1.67 24.39
C SER A 15 5.18 -0.21 24.81
N VAL A 16 4.39 0.65 24.21
CA VAL A 16 4.41 2.07 24.46
C VAL A 16 3.00 2.58 24.71
N ALA A 17 2.84 3.47 25.70
CA ALA A 17 1.54 4.04 26.04
C ALA A 17 1.62 5.55 26.20
N TYR A 18 1.04 6.27 25.23
CA TYR A 18 0.81 7.70 25.38
C TYR A 18 -0.32 7.92 26.38
N VAL A 19 -0.15 8.87 27.29
CA VAL A 19 -1.18 9.24 28.26
C VAL A 19 -1.51 10.71 28.11
N GLU A 20 -2.80 11.01 27.92
CA GLU A 20 -3.26 12.40 27.88
C GLU A 20 -3.43 12.89 29.31
N VAL A 21 -2.36 13.45 29.87
CA VAL A 21 -2.39 13.87 31.27
C VAL A 21 -3.36 15.01 31.52
N ASN A 22 -3.94 15.59 30.48
CA ASN A 22 -5.01 16.56 30.69
C ASN A 22 -6.23 15.91 31.30
N ASN A 23 -6.43 14.60 31.05
CA ASN A 23 -7.61 13.88 31.49
C ASN A 23 -7.33 12.66 32.35
N ASN A 24 -6.13 12.10 32.31
CA ASN A 24 -5.87 10.82 32.96
C ASN A 24 -4.50 10.85 33.60
N SER A 25 -4.26 9.85 34.47
CA SER A 25 -3.06 9.77 35.28
C SER A 25 -2.03 8.83 34.64
N MET A 26 -0.75 9.18 34.82
CA MET A 26 0.32 8.33 34.31
C MET A 26 0.33 6.97 34.98
N LEU A 27 -0.16 6.89 36.22
CA LEU A 27 0.03 5.70 37.03
C LEU A 27 -0.73 4.51 36.47
N ASN A 28 -1.80 4.74 35.71
CA ASN A 28 -2.55 3.62 35.15
C ASN A 28 -1.67 2.74 34.28
N VAL A 29 -0.62 3.32 33.69
CA VAL A 29 0.27 2.52 32.86
C VAL A 29 0.86 1.38 33.66
N GLY A 30 1.15 1.61 34.93
CA GLY A 30 1.82 0.64 35.75
C GLY A 30 0.92 -0.36 36.43
N LYS A 31 -0.38 -0.26 36.24
CA LYS A 31 -1.33 -1.13 36.89
C LYS A 31 -1.60 -2.42 36.12
N TYR A 32 -0.95 -2.64 34.99
CA TYR A 32 -1.22 -3.79 34.14
C TYR A 32 0.02 -4.65 34.06
N THR A 33 -0.11 -5.90 34.52
CA THR A 33 0.98 -6.86 34.44
C THR A 33 0.47 -8.12 33.75
N LEU A 34 1.42 -8.98 33.38
CA LEU A 34 1.11 -10.21 32.66
C LEU A 34 0.73 -11.32 33.65
N ALA A 35 -0.37 -12.00 33.36
CA ALA A 35 -0.82 -13.07 34.25
C ALA A 35 0.27 -14.09 34.50
N ASP A 36 1.05 -14.42 33.48
CA ASP A 36 2.05 -15.47 33.61
C ASP A 36 3.33 -14.99 34.27
N GLY A 37 3.29 -13.86 34.96
CA GLY A 37 4.42 -13.38 35.73
C GLY A 37 5.54 -12.77 34.92
N GLY A 38 5.31 -12.49 33.63
CA GLY A 38 6.35 -11.97 32.77
C GLY A 38 6.79 -10.55 33.11
N GLY A 39 5.92 -9.78 33.77
CA GLY A 39 6.27 -8.43 34.11
C GLY A 39 5.24 -7.41 33.68
N ASN A 40 5.69 -6.21 33.36
CA ASN A 40 4.77 -5.14 33.01
C ASN A 40 4.18 -5.36 31.63
N ALA A 41 2.90 -5.00 31.47
CA ALA A 41 2.29 -4.99 30.16
C ALA A 41 2.84 -3.86 29.29
N PHE A 42 3.26 -2.77 29.91
CA PHE A 42 3.76 -1.58 29.23
C PHE A 42 5.23 -1.34 29.58
N ASP A 43 6.01 -0.97 28.56
CA ASP A 43 7.44 -0.73 28.77
C ASP A 43 7.79 0.76 28.77
N VAL A 44 7.02 1.58 28.07
CA VAL A 44 7.29 3.00 27.92
C VAL A 44 5.98 3.75 28.12
N ALA A 45 6.00 4.76 28.97
CA ALA A 45 4.89 5.69 29.17
C ALA A 45 5.31 7.06 28.66
N VAL A 46 4.44 7.73 27.92
CA VAL A 46 4.76 9.03 27.35
C VAL A 46 3.76 10.06 27.86
N ILE A 47 4.28 11.14 28.45
CA ILE A 47 3.46 12.25 28.90
C ILE A 47 3.10 13.12 27.70
N PHE A 48 1.81 13.17 27.36
CA PHE A 48 1.30 13.98 26.26
C PHE A 48 0.48 15.15 26.82
N ALA A 49 0.98 16.39 26.67
CA ALA A 49 2.22 16.69 25.97
C ALA A 49 2.73 18.08 26.33
N ALA A 50 4.05 18.27 26.37
CA ALA A 50 4.60 19.61 26.39
C ALA A 50 4.41 20.29 25.04
N ASN A 51 4.75 21.59 24.98
CA ASN A 51 4.57 22.37 23.76
C ASN A 51 5.82 23.15 23.39
N ILE A 52 5.93 23.44 22.09
CA ILE A 52 6.89 24.43 21.59
C ILE A 52 6.10 25.71 21.32
N ASN A 53 6.42 26.75 22.05
CA ASN A 53 5.75 28.05 21.94
C ASN A 53 6.65 29.05 21.24
N TYR A 54 6.06 30.19 20.87
CA TYR A 54 6.80 31.27 20.23
C TYR A 54 6.58 32.56 21.00
N ASP A 55 7.68 33.24 21.33
CA ASP A 55 7.62 34.54 22.00
C ASP A 55 7.80 35.62 20.94
N THR A 56 6.71 36.32 20.61
CA THR A 56 6.74 37.26 19.50
C THR A 56 7.63 38.46 19.79
N GLY A 57 7.67 38.90 21.05
CA GLY A 57 8.50 40.04 21.37
C GLY A 57 9.96 39.77 21.10
N THR A 58 10.46 38.65 21.60
CA THR A 58 11.85 38.24 21.42
C THR A 58 12.06 37.39 20.17
N LYS A 59 10.99 37.14 19.40
CA LYS A 59 11.04 36.31 18.20
C LYS A 59 11.82 35.02 18.45
N THR A 60 11.41 34.30 19.50
CA THR A 60 12.16 33.14 19.94
C THR A 60 11.23 32.05 20.46
N ALA A 61 11.54 30.81 20.08
CA ALA A 61 10.78 29.65 20.54
C ALA A 61 11.22 29.29 21.96
N TYR A 62 10.28 28.71 22.71
CA TYR A 62 10.61 28.25 24.06
C TYR A 62 9.72 27.06 24.41
N LEU A 63 10.23 26.25 25.33
CA LEU A 63 9.50 25.10 25.83
C LEU A 63 8.47 25.54 26.86
N HIS A 64 7.24 25.06 26.73
CA HIS A 64 6.12 25.46 27.57
C HIS A 64 5.41 24.22 28.10
N PHE A 65 5.03 24.28 29.37
CA PHE A 65 4.24 23.24 30.01
C PHE A 65 2.90 23.81 30.43
N ASN A 66 1.82 23.14 30.03
CA ASN A 66 0.51 23.55 30.51
C ASN A 66 0.33 23.12 31.96
N GLU A 67 -0.74 23.62 32.58
CA GLU A 67 -0.97 23.38 34.00
C GLU A 67 -0.91 21.90 34.33
N ASN A 68 -1.49 21.05 33.47
CA ASN A 68 -1.51 19.61 33.76
C ASN A 68 -0.12 19.01 33.62
N VAL A 69 0.60 19.31 32.55
CA VAL A 69 1.92 18.73 32.35
C VAL A 69 2.86 19.17 33.47
N GLN A 70 2.77 20.45 33.85
CA GLN A 70 3.57 20.96 34.93
C GLN A 70 3.26 20.25 36.25
N ARG A 71 1.99 19.92 36.48
CA ARG A 71 1.62 19.21 37.70
C ARG A 71 2.25 17.82 37.76
N VAL A 72 2.26 17.11 36.62
CA VAL A 72 2.85 15.77 36.60
C VAL A 72 4.35 15.85 36.90
N LEU A 73 5.02 16.80 36.27
CA LEU A 73 6.46 16.91 36.48
C LEU A 73 6.78 17.38 37.89
N ASP A 74 6.07 18.41 38.37
CA ASP A 74 6.30 18.89 39.73
C ASP A 74 6.06 17.77 40.74
N ASN A 75 5.06 16.92 40.46
CA ASN A 75 4.77 15.74 41.28
C ASN A 75 5.47 14.49 40.78
N ALA A 76 6.67 14.62 40.22
CA ALA A 76 7.35 13.47 39.63
C ALA A 76 7.50 12.34 40.64
N VAL A 77 7.64 12.66 41.92
CA VAL A 77 7.94 11.64 42.91
C VAL A 77 6.75 10.70 43.11
N THR A 78 5.53 11.22 43.04
CA THR A 78 4.36 10.34 43.08
C THR A 78 3.82 9.98 41.71
N GLN A 79 4.18 10.70 40.66
CA GLN A 79 3.57 10.50 39.35
C GLN A 79 4.50 9.92 38.30
N ILE A 80 5.79 9.79 38.59
CA ILE A 80 6.74 9.32 37.59
C ILE A 80 7.66 8.26 38.17
N ARG A 81 8.33 8.58 39.27
CA ARG A 81 9.25 7.64 39.88
C ARG A 81 8.63 6.26 40.13
N PRO A 82 7.37 6.12 40.52
CA PRO A 82 6.83 4.78 40.74
C PRO A 82 6.81 3.95 39.47
N LEU A 83 6.49 4.56 38.32
CA LEU A 83 6.58 3.84 37.06
C LEU A 83 8.02 3.45 36.77
N GLN A 84 8.95 4.39 36.93
CA GLN A 84 10.37 4.11 36.71
C GLN A 84 10.87 3.04 37.65
N GLN A 85 10.38 3.04 38.88
CA GLN A 85 10.76 2.00 39.84
C GLN A 85 10.33 0.62 39.38
N GLN A 86 9.17 0.52 38.72
CA GLN A 86 8.70 -0.74 38.15
C GLN A 86 9.48 -1.14 36.91
N GLY A 87 10.38 -0.30 36.42
CA GLY A 87 11.09 -0.57 35.18
C GLY A 87 10.46 0.02 33.94
N ILE A 88 9.55 0.98 34.08
CA ILE A 88 8.84 1.56 32.96
C ILE A 88 9.46 2.92 32.65
N LYS A 89 10.05 3.05 31.46
CA LYS A 89 10.62 4.32 31.04
C LYS A 89 9.51 5.34 30.81
N VAL A 90 9.83 6.60 31.09
CA VAL A 90 8.86 7.68 30.99
C VAL A 90 9.43 8.77 30.10
N LEU A 91 8.68 9.13 29.05
CA LEU A 91 9.12 10.16 28.14
C LEU A 91 8.14 11.32 28.16
N LEU A 92 8.62 12.49 27.73
CA LEU A 92 7.78 13.67 27.54
C LEU A 92 7.65 13.94 26.04
N SER A 93 6.41 13.97 25.55
CA SER A 93 6.14 14.34 24.17
C SER A 93 6.03 15.86 24.04
N VAL A 94 6.48 16.38 22.90
CA VAL A 94 6.44 17.81 22.63
C VAL A 94 5.65 18.02 21.34
N LEU A 95 4.71 18.97 21.39
CA LEU A 95 3.76 19.22 20.33
C LEU A 95 3.75 20.70 19.96
N GLY A 96 3.35 20.96 18.71
CA GLY A 96 3.07 22.34 18.32
C GLY A 96 1.96 22.94 19.15
N ASN A 97 1.83 24.26 19.09
CA ASN A 97 0.86 24.93 19.92
C ASN A 97 0.36 26.21 19.25
N HIS A 98 0.26 26.19 17.92
CA HIS A 98 -0.42 27.21 17.13
C HIS A 98 0.28 28.56 17.16
N GLN A 99 1.54 28.64 17.56
CA GLN A 99 2.21 29.92 17.68
C GLN A 99 3.28 30.14 16.60
N GLY A 100 3.36 29.27 15.61
CA GLY A 100 4.22 29.50 14.46
C GLY A 100 5.59 28.85 14.55
N ALA A 101 6.11 28.65 15.75
CA ALA A 101 7.37 27.93 15.94
C ALA A 101 7.11 26.43 15.96
N GLY A 102 7.95 25.68 15.26
CA GLY A 102 7.85 24.24 15.21
C GLY A 102 9.22 23.62 15.06
N PHE A 103 9.26 22.31 15.12
CA PHE A 103 10.54 21.61 15.09
C PHE A 103 11.22 21.73 13.74
N ALA A 104 10.50 22.10 12.68
CA ALA A 104 11.08 22.11 11.35
C ALA A 104 11.41 23.50 10.81
N ASN A 105 11.20 24.59 11.58
CA ASN A 105 11.42 25.93 11.04
C ASN A 105 12.32 26.79 11.92
N PHE A 106 13.21 26.17 12.68
CA PHE A 106 14.27 26.92 13.35
C PHE A 106 15.13 27.59 12.30
N PRO A 107 15.45 28.88 12.45
CA PRO A 107 16.19 29.58 11.39
C PRO A 107 17.68 29.29 11.35
N SER A 108 18.23 28.58 12.35
CA SER A 108 19.67 28.39 12.38
C SER A 108 20.03 27.30 13.37
N GLN A 109 21.25 26.78 13.22
CA GLN A 109 21.72 25.73 14.12
C GLN A 109 21.75 26.20 15.57
N GLN A 110 22.21 27.42 15.80
CA GLN A 110 22.27 27.95 17.17
C GLN A 110 20.86 28.05 17.77
N ALA A 111 19.88 28.50 16.98
CA ALA A 111 18.50 28.59 17.47
C ALA A 111 17.93 27.21 17.79
N ALA A 112 18.12 26.23 16.92
CA ALA A 112 17.69 24.87 17.24
C ALA A 112 18.40 24.34 18.47
N SER A 113 19.67 24.73 18.67
CA SER A 113 20.43 24.26 19.81
C SER A 113 19.90 24.85 21.11
N ALA A 114 19.54 26.14 21.11
CA ALA A 114 18.93 26.73 22.29
C ALA A 114 17.70 25.94 22.74
N PHE A 115 16.86 25.50 21.80
CA PHE A 115 15.68 24.73 22.17
C PHE A 115 16.08 23.35 22.71
N ALA A 116 17.09 22.71 22.09
CA ALA A 116 17.50 21.39 22.56
C ALA A 116 17.97 21.44 24.01
N LYS A 117 18.71 22.47 24.37
CA LYS A 117 19.14 22.65 25.76
C LYS A 117 17.94 22.71 26.70
N GLN A 118 16.88 23.42 26.30
CA GLN A 118 15.71 23.51 27.17
C GLN A 118 15.08 22.15 27.36
N LEU A 119 14.97 21.36 26.29
CA LEU A 119 14.47 20.00 26.40
C LEU A 119 15.35 19.15 27.31
N SER A 120 16.67 19.19 27.11
CA SER A 120 17.55 18.33 27.88
C SER A 120 17.64 18.80 29.32
N ASP A 121 17.56 20.10 29.55
CA ASP A 121 17.45 20.63 30.90
C ASP A 121 16.19 20.10 31.60
N ALA A 122 15.06 20.05 30.89
CA ALA A 122 13.84 19.53 31.51
C ALA A 122 13.96 18.05 31.85
N VAL A 123 14.51 17.25 30.92
CA VAL A 123 14.73 15.83 31.17
C VAL A 123 15.58 15.63 32.42
N ALA A 124 16.59 16.48 32.61
CA ALA A 124 17.51 16.31 33.73
C ALA A 124 16.87 16.73 35.05
N LYS A 125 16.18 17.87 35.07
CA LYS A 125 15.60 18.39 36.29
C LYS A 125 14.52 17.47 36.84
N TYR A 126 13.68 16.94 35.96
CA TYR A 126 12.54 16.14 36.39
C TYR A 126 12.82 14.65 36.35
N GLY A 127 14.05 14.25 36.03
CA GLY A 127 14.45 12.86 35.98
C GLY A 127 13.77 12.00 34.93
N LEU A 128 13.64 12.51 33.72
CA LEU A 128 12.91 11.79 32.69
C LEU A 128 13.87 10.87 31.94
N ASP A 129 13.28 9.94 31.18
CA ASP A 129 14.08 9.01 30.38
C ASP A 129 14.33 9.50 28.96
N GLY A 130 13.63 10.52 28.49
CA GLY A 130 13.83 11.02 27.14
C GLY A 130 12.66 11.87 26.66
N VAL A 131 12.59 12.05 25.34
CA VAL A 131 11.67 12.98 24.70
C VAL A 131 11.09 12.33 23.44
N ASP A 132 9.87 12.75 23.09
CA ASP A 132 9.16 12.29 21.91
C ASP A 132 8.71 13.50 21.10
N PHE A 133 8.98 13.46 19.80
CA PHE A 133 8.64 14.58 18.93
C PHE A 133 7.32 14.31 18.18
N ASP A 134 6.37 15.25 18.29
CA ASP A 134 5.10 15.19 17.56
C ASP A 134 4.91 16.53 16.84
N ASP A 135 5.20 16.58 15.54
CA ASP A 135 5.21 17.84 14.80
C ASP A 135 3.85 18.11 14.16
N GLU A 136 2.93 18.56 15.01
CA GLU A 136 1.59 18.96 14.60
C GLU A 136 1.18 20.20 15.38
N TYR A 137 0.26 20.96 14.79
CA TYR A 137 -0.34 22.15 15.37
C TYR A 137 0.60 23.34 15.43
N ALA A 138 1.81 23.24 14.87
CA ALA A 138 2.74 24.36 14.91
C ALA A 138 2.15 25.59 14.22
N GLU A 139 1.40 25.37 13.13
CA GLU A 139 0.84 26.48 12.35
C GLU A 139 1.95 27.37 11.80
N TYR A 140 3.02 26.75 11.29
CA TYR A 140 4.12 27.45 10.67
C TYR A 140 3.59 28.66 9.90
N GLY A 141 4.20 29.82 10.14
CA GLY A 141 3.84 31.06 9.45
C GLY A 141 3.07 32.05 10.31
N ASN A 142 2.38 31.59 11.35
CA ASN A 142 1.76 32.51 12.28
C ASN A 142 2.83 33.40 12.91
N ASN A 143 2.42 34.63 13.24
CA ASN A 143 3.31 35.59 13.89
C ASN A 143 4.57 35.79 13.07
N GLY A 144 4.42 35.78 11.74
CA GLY A 144 5.54 36.09 10.87
C GLY A 144 6.68 35.10 10.90
N THR A 145 6.43 33.87 11.33
CA THR A 145 7.44 32.83 11.30
C THR A 145 7.56 32.25 9.90
N ALA A 146 8.66 31.54 9.67
CA ALA A 146 8.92 30.97 8.36
C ALA A 146 8.21 29.62 8.21
N GLN A 147 8.13 29.15 6.97
CA GLN A 147 7.68 27.80 6.66
C GLN A 147 8.79 26.80 6.96
N PRO A 148 8.49 25.51 6.99
CA PRO A 148 9.54 24.53 7.27
C PRO A 148 10.70 24.61 6.28
N ASN A 149 11.89 24.28 6.76
CA ASN A 149 13.09 24.26 5.95
C ASN A 149 13.79 22.92 6.14
N ASP A 150 14.87 22.72 5.39
CA ASP A 150 15.50 21.40 5.30
C ASP A 150 16.45 21.09 6.44
N SER A 151 16.84 22.07 7.25
CA SER A 151 17.91 21.88 8.21
C SER A 151 17.46 21.92 9.66
N SER A 152 16.31 22.53 9.96
CA SER A 152 15.97 22.81 11.36
C SER A 152 15.97 21.53 12.21
N PHE A 153 15.23 20.52 11.79
CA PHE A 153 15.04 19.34 12.62
C PHE A 153 16.35 18.57 12.75
N VAL A 154 17.12 18.45 11.66
CA VAL A 154 18.41 17.78 11.77
C VAL A 154 19.28 18.48 12.79
N HIS A 155 19.31 19.81 12.76
CA HIS A 155 20.07 20.56 13.76
C HIS A 155 19.55 20.24 15.16
N LEU A 156 18.23 20.33 15.34
CA LEU A 156 17.64 20.15 16.67
C LEU A 156 17.98 18.79 17.25
N VAL A 157 17.74 17.73 16.50
CA VAL A 157 17.96 16.38 17.01
C VAL A 157 19.45 16.13 17.24
N THR A 158 20.30 16.65 16.34
CA THR A 158 21.75 16.50 16.51
C THR A 158 22.20 17.09 17.84
N ALA A 159 21.71 18.27 18.18
CA ALA A 159 22.05 18.92 19.44
C ALA A 159 21.49 18.15 20.63
N LEU A 160 20.21 17.75 20.56
CA LEU A 160 19.61 17.02 21.67
C LEU A 160 20.38 15.74 21.97
N ARG A 161 20.75 14.99 20.93
CA ARG A 161 21.47 13.73 21.15
C ARG A 161 22.85 13.97 21.74
N ALA A 162 23.53 15.02 21.29
CA ALA A 162 24.79 15.39 21.92
C ALA A 162 24.60 15.78 23.37
N ASN A 163 23.44 16.37 23.71
CA ASN A 163 23.18 16.77 25.09
C ASN A 163 22.87 15.56 25.96
N MET A 164 22.16 14.57 25.40
CA MET A 164 21.65 13.44 26.18
C MET A 164 22.04 12.12 25.52
N PRO A 165 23.34 11.82 25.44
CA PRO A 165 23.73 10.60 24.72
C PRO A 165 23.12 9.32 25.27
N ASP A 166 22.59 9.36 26.50
CA ASP A 166 22.12 8.16 27.18
C ASP A 166 20.60 8.08 27.28
N LYS A 167 19.88 9.06 26.77
CA LYS A 167 18.44 9.13 26.92
C LYS A 167 17.71 8.72 25.64
N ILE A 168 16.43 8.53 25.76
CA ILE A 168 15.60 8.09 24.65
C ILE A 168 15.13 9.30 23.88
N ILE A 169 15.23 9.23 22.55
CA ILE A 169 14.55 10.18 21.66
C ILE A 169 13.69 9.39 20.69
N SER A 170 12.42 9.75 20.57
CA SER A 170 11.50 9.00 19.75
C SER A 170 10.75 9.95 18.80
N LEU A 171 10.23 9.37 17.71
CA LEU A 171 9.57 10.15 16.68
C LEU A 171 8.17 9.60 16.39
N TYR A 172 7.17 10.44 16.60
CA TYR A 172 5.80 10.26 16.14
C TYR A 172 5.77 10.68 14.67
N ASN A 173 5.69 9.70 13.77
CA ASN A 173 6.20 9.87 12.41
C ASN A 173 5.15 10.59 11.56
N ILE A 174 5.09 11.91 11.74
CA ILE A 174 4.11 12.73 11.06
C ILE A 174 4.63 14.16 10.98
N GLY A 175 4.08 14.93 10.06
CA GLY A 175 4.38 16.35 9.97
C GLY A 175 5.66 16.64 9.19
N PRO A 176 5.89 17.91 8.89
CA PRO A 176 7.09 18.29 8.11
C PRO A 176 8.40 17.77 8.69
N ALA A 177 8.55 17.78 10.01
CA ALA A 177 9.80 17.31 10.59
C ALA A 177 10.12 15.89 10.16
N ALA A 178 9.10 15.05 10.05
CA ALA A 178 9.31 13.63 9.82
C ALA A 178 9.94 13.36 8.46
N SER A 179 9.70 14.22 7.48
CA SER A 179 10.24 14.05 6.13
C SER A 179 11.54 14.83 5.92
N ARG A 180 12.13 15.37 6.98
CA ARG A 180 13.33 16.19 6.88
C ARG A 180 14.40 15.70 7.87
N LEU A 181 14.74 14.43 7.74
CA LEU A 181 15.66 13.77 8.67
C LEU A 181 17.11 13.79 8.20
N SER A 182 17.39 14.37 7.04
CA SER A 182 18.75 14.35 6.50
C SER A 182 19.15 15.72 5.97
N TYR A 183 20.34 16.16 6.35
CA TYR A 183 20.83 17.46 5.92
C TYR A 183 22.33 17.55 6.14
N GLY A 184 23.02 18.14 5.16
CA GLY A 184 24.45 18.38 5.27
C GLY A 184 25.28 17.13 5.50
N GLY A 185 24.88 16.01 4.91
CA GLY A 185 25.60 14.78 5.10
C GLY A 185 25.29 14.04 6.38
N VAL A 186 24.29 14.49 7.13
CA VAL A 186 23.89 13.86 8.39
C VAL A 186 22.43 13.44 8.28
N ASP A 187 22.18 12.15 8.33
CA ASP A 187 20.85 11.60 8.54
C ASP A 187 20.71 11.26 10.02
N VAL A 188 19.71 11.82 10.69
CA VAL A 188 19.62 11.70 12.14
C VAL A 188 18.79 10.49 12.56
N SER A 189 18.45 9.62 11.60
CA SER A 189 17.60 8.48 11.93
C SER A 189 18.20 7.64 13.03
N ASP A 190 19.51 7.36 12.95
CA ASP A 190 20.17 6.55 13.96
C ASP A 190 20.36 7.30 15.28
N LYS A 191 20.02 8.58 15.34
CA LYS A 191 20.03 9.31 16.59
C LYS A 191 18.73 9.10 17.38
N PHE A 192 17.67 8.62 16.74
CA PHE A 192 16.46 8.24 17.44
C PHE A 192 16.62 6.84 18.02
N ASP A 193 15.93 6.59 19.13
CA ASP A 193 15.78 5.23 19.63
C ASP A 193 14.58 4.56 18.98
N TYR A 194 13.47 5.26 18.82
CA TYR A 194 12.26 4.66 18.29
C TYR A 194 11.55 5.61 17.33
N ALA A 195 10.76 5.02 16.44
CA ALA A 195 9.86 5.74 15.56
C ALA A 195 8.59 4.89 15.43
N TRP A 196 7.45 5.56 15.34
CA TRP A 196 6.23 4.76 15.27
C TRP A 196 5.18 5.41 14.38
N ASN A 197 4.28 4.59 13.90
CA ASN A 197 3.17 4.99 13.06
C ASN A 197 2.21 5.90 13.83
N PRO A 198 1.84 7.05 13.31
CA PRO A 198 0.98 7.97 14.05
C PRO A 198 -0.50 7.76 13.83
N TYR A 199 -0.91 6.90 12.91
CA TYR A 199 -2.31 6.76 12.50
C TYR A 199 -2.98 5.60 13.26
N TYR A 200 -3.59 5.93 14.38
CA TYR A 200 -4.16 4.93 15.27
C TYR A 200 -5.22 4.09 14.57
N GLY A 201 -5.10 2.78 14.75
CA GLY A 201 -6.00 1.83 14.14
C GLY A 201 -5.46 1.20 12.89
N THR A 202 -4.26 1.57 12.46
CA THR A 202 -3.73 1.12 11.19
C THR A 202 -2.35 0.49 11.36
N TRP A 203 -1.90 -0.20 10.32
CA TRP A 203 -0.52 -0.68 10.18
C TRP A 203 0.19 0.14 9.10
N GLN A 204 1.35 0.71 9.44
CA GLN A 204 2.06 1.53 8.47
C GLN A 204 3.52 1.63 8.86
N VAL A 205 4.36 0.87 8.19
CA VAL A 205 5.79 0.83 8.43
C VAL A 205 6.36 2.23 8.23
N PRO A 206 7.03 2.81 9.20
CA PRO A 206 7.71 4.10 8.94
C PRO A 206 8.90 3.91 8.01
N GLY A 207 8.91 4.68 6.92
CA GLY A 207 10.00 4.65 5.97
C GLY A 207 11.20 5.43 6.49
N ILE A 208 11.88 4.89 7.51
CA ILE A 208 12.96 5.54 8.22
C ILE A 208 14.09 4.54 8.36
N ALA A 209 15.33 4.98 8.18
CA ALA A 209 16.50 4.09 8.25
C ALA A 209 16.84 3.77 9.70
N LEU A 210 15.88 3.13 10.36
CA LEU A 210 16.03 2.54 11.67
C LEU A 210 15.73 1.06 11.54
N PRO A 211 16.41 0.21 12.31
CA PRO A 211 16.10 -1.22 12.26
C PRO A 211 14.67 -1.51 12.70
N LYS A 212 14.18 -2.66 12.27
CA LYS A 212 12.81 -3.08 12.58
C LYS A 212 12.58 -3.24 14.08
N ALA A 213 13.63 -3.56 14.84
CA ALA A 213 13.47 -3.73 16.27
C ALA A 213 13.13 -2.43 16.99
N GLN A 214 13.26 -1.30 16.32
CA GLN A 214 13.02 0.01 16.93
C GLN A 214 11.86 0.73 16.25
N LEU A 215 11.04 0.01 15.49
CA LEU A 215 9.95 0.62 14.74
C LEU A 215 8.62 -0.03 15.13
N SER A 216 7.56 0.80 15.11
CA SER A 216 6.20 0.36 15.39
C SER A 216 5.33 0.65 14.18
N PRO A 217 5.16 -0.30 13.27
CA PRO A 217 4.19 -0.08 12.17
C PRO A 217 2.75 0.00 12.65
N ALA A 218 2.45 -0.57 13.81
CA ALA A 218 1.12 -0.58 14.39
C ALA A 218 0.94 0.56 15.38
N ALA A 219 -0.29 1.08 15.42
CA ALA A 219 -0.69 2.08 16.40
C ALA A 219 -2.14 1.85 16.75
N VAL A 220 -2.45 1.81 18.05
CA VAL A 220 -3.82 1.61 18.48
C VAL A 220 -4.20 2.59 19.58
N GLU A 221 -5.48 2.94 19.64
CA GLU A 221 -6.02 3.76 20.72
C GLU A 221 -6.87 2.86 21.61
N ILE A 222 -6.39 2.61 22.83
CA ILE A 222 -7.09 1.74 23.76
C ILE A 222 -8.43 2.36 24.11
N GLY A 223 -9.50 1.57 23.98
CA GLY A 223 -10.84 2.05 24.24
C GLY A 223 -11.59 2.51 23.00
N ARG A 224 -10.90 2.65 21.88
CA ARG A 224 -11.52 3.00 20.62
C ARG A 224 -11.23 1.97 19.53
N THR A 225 -9.97 1.62 19.33
CA THR A 225 -9.64 0.61 18.33
C THR A 225 -10.26 -0.72 18.71
N SER A 226 -10.96 -1.34 17.75
CA SER A 226 -11.56 -2.66 17.97
C SER A 226 -10.55 -3.65 18.51
N ARG A 227 -10.97 -4.43 19.51
CA ARG A 227 -10.08 -5.43 20.07
C ARG A 227 -9.61 -6.39 18.99
N SER A 228 -10.49 -6.72 18.05
CA SER A 228 -10.10 -7.52 16.89
C SER A 228 -8.90 -6.90 16.19
N THR A 229 -8.89 -5.57 16.07
CA THR A 229 -7.80 -4.91 15.36
C THR A 229 -6.56 -4.81 16.21
N VAL A 230 -6.72 -4.50 17.51
CA VAL A 230 -5.59 -4.50 18.43
C VAL A 230 -4.83 -5.81 18.31
N ALA A 231 -5.55 -6.93 18.36
CA ALA A 231 -4.90 -8.24 18.37
C ALA A 231 -4.19 -8.52 17.06
N ASP A 232 -4.89 -8.30 15.94
CA ASP A 232 -4.30 -8.56 14.62
C ASP A 232 -3.05 -7.73 14.40
N LEU A 233 -3.05 -6.47 14.85
CA LEU A 233 -1.89 -5.61 14.64
C LEU A 233 -0.72 -6.05 15.51
N ALA A 234 -1.00 -6.53 16.72
CA ALA A 234 0.09 -7.06 17.56
C ALA A 234 0.59 -8.40 17.03
N ARG A 235 -0.29 -9.21 16.44
CA ARG A 235 0.15 -10.44 15.79
C ARG A 235 1.07 -10.15 14.60
N ARG A 236 0.71 -9.13 13.81
CA ARG A 236 1.55 -8.75 12.68
C ARG A 236 2.89 -8.18 13.15
N THR A 237 2.88 -7.45 14.25
CA THR A 237 4.14 -6.94 14.78
C THR A 237 5.12 -8.08 15.00
N VAL A 238 4.67 -9.14 15.68
CA VAL A 238 5.52 -10.30 15.93
C VAL A 238 5.82 -11.05 14.64
N ASP A 239 4.80 -11.28 13.81
CA ASP A 239 5.00 -12.11 12.62
C ASP A 239 6.07 -11.51 11.71
N GLU A 240 6.07 -10.18 11.54
CA GLU A 240 6.97 -9.55 10.59
C GLU A 240 8.26 -9.10 11.23
N GLY A 241 8.47 -9.40 12.51
CA GLY A 241 9.75 -9.14 13.16
C GLY A 241 9.98 -7.72 13.63
N TYR A 242 8.93 -6.98 13.95
CA TYR A 242 9.10 -5.62 14.44
C TYR A 242 9.20 -5.59 15.97
N GLY A 243 9.82 -4.53 16.48
CA GLY A 243 10.18 -4.47 17.89
C GLY A 243 9.46 -3.48 18.80
N VAL A 244 8.46 -2.75 18.30
CA VAL A 244 7.74 -1.77 19.08
C VAL A 244 6.27 -1.85 18.74
N TYR A 245 5.42 -1.54 19.73
CA TYR A 245 3.96 -1.55 19.56
C TYR A 245 3.38 -0.33 20.27
N LEU A 246 2.81 0.59 19.49
CA LEU A 246 2.38 1.87 20.02
C LEU A 246 0.91 1.87 20.43
N THR A 247 0.64 2.35 21.65
CA THR A 247 -0.73 2.46 22.12
C THR A 247 -0.93 3.88 22.66
N TYR A 248 -2.18 4.35 22.64
CA TYR A 248 -2.50 5.71 23.03
C TYR A 248 -3.80 5.76 23.81
N ASN A 249 -3.82 6.61 24.83
CA ASN A 249 -5.01 7.05 25.52
C ASN A 249 -5.53 6.07 26.58
N LEU A 250 -4.69 5.18 27.09
CA LEU A 250 -5.06 4.44 28.29
C LEU A 250 -5.60 5.40 29.34
N ASP A 251 -6.78 5.07 29.88
CA ASP A 251 -7.40 5.86 30.92
C ASP A 251 -7.45 5.08 32.25
N GLY A 252 -8.30 5.55 33.16
CA GLY A 252 -8.42 4.95 34.47
C GLY A 252 -9.44 3.83 34.58
N GLY A 253 -10.20 3.57 33.53
CA GLY A 253 -11.14 2.47 33.53
C GLY A 253 -10.45 1.12 33.57
N ASP A 254 -11.26 0.08 33.48
CA ASP A 254 -10.75 -1.30 33.50
C ASP A 254 -10.54 -1.75 32.07
N ARG A 255 -9.30 -1.63 31.58
CA ARG A 255 -8.97 -1.97 30.20
C ARG A 255 -8.27 -3.32 30.11
N THR A 256 -8.55 -4.23 31.03
CA THR A 256 -7.88 -5.52 31.04
C THR A 256 -8.04 -6.24 29.71
N ALA A 257 -9.25 -6.26 29.17
CA ALA A 257 -9.48 -6.94 27.90
C ALA A 257 -8.78 -6.21 26.74
N ASP A 258 -8.77 -4.88 26.77
CA ASP A 258 -8.09 -4.13 25.72
C ASP A 258 -6.60 -4.43 25.73
N VAL A 259 -6.00 -4.38 26.91
CA VAL A 259 -4.57 -4.63 27.03
C VAL A 259 -4.26 -6.07 26.70
N SER A 260 -5.02 -7.02 27.28
CA SER A 260 -4.80 -8.44 27.00
C SER A 260 -4.87 -8.72 25.50
N ALA A 261 -5.67 -7.92 24.78
CA ALA A 261 -5.82 -8.11 23.33
C ALA A 261 -4.46 -8.06 22.62
N PHE A 262 -3.50 -7.28 23.13
CA PHE A 262 -2.17 -7.28 22.51
C PHE A 262 -1.12 -8.01 23.34
N THR A 263 -1.25 -8.07 24.66
CA THR A 263 -0.28 -8.88 25.42
C THR A 263 -0.39 -10.36 25.05
N ARG A 264 -1.59 -10.82 24.72
CA ARG A 264 -1.74 -12.19 24.26
C ARG A 264 -0.83 -12.47 23.08
N GLU A 265 -0.71 -11.51 22.15
CA GLU A 265 0.05 -11.73 20.93
C GLU A 265 1.51 -11.34 21.07
N LEU A 266 1.81 -10.24 21.78
CA LEU A 266 3.20 -9.81 21.91
C LEU A 266 3.99 -10.72 22.84
N TYR A 267 3.34 -11.25 23.86
CA TYR A 267 4.02 -11.98 24.91
C TYR A 267 3.42 -13.35 25.19
N GLY A 268 2.37 -13.75 24.49
CA GLY A 268 1.75 -15.03 24.77
C GLY A 268 1.09 -15.11 26.13
N SER A 269 0.64 -13.98 26.66
CA SER A 269 0.06 -13.98 28.00
C SER A 269 -1.02 -12.91 28.10
N GLU A 270 -1.97 -13.16 28.99
CA GLU A 270 -3.04 -12.23 29.26
C GLU A 270 -2.61 -11.22 30.34
N ALA A 271 -3.31 -10.10 30.39
CA ALA A 271 -3.00 -9.03 31.31
C ALA A 271 -3.96 -9.07 32.48
N VAL A 272 -3.43 -8.70 33.64
CA VAL A 272 -4.23 -8.52 34.86
C VAL A 272 -3.99 -7.10 35.41
N ARG A 273 -4.99 -6.52 36.06
CA ARG A 273 -4.93 -5.24 36.63
C ARG A 273 -4.52 -5.35 38.10
N THR A 274 -3.86 -4.25 38.62
CA THR A 274 -3.34 -4.22 39.97
C THR A 274 -4.43 -3.95 40.96
N PRO A 275 -5.56 -3.31 40.53
CA PRO A 275 -6.70 -3.06 41.47
C PRO A 275 -8.02 -3.42 40.86
N MET B 8 40.30 1.37 -1.69
CA MET B 8 38.96 1.57 -1.16
C MET B 8 38.10 0.32 -1.38
N VAL B 9 37.02 0.21 -0.61
CA VAL B 9 36.05 -0.87 -0.75
C VAL B 9 34.65 -0.28 -0.74
N LYS B 10 33.77 -0.84 -1.57
CA LYS B 10 32.39 -0.38 -1.62
C LYS B 10 31.76 -0.42 -0.24
N GLN B 11 30.87 0.53 0.00
CA GLN B 11 30.04 0.58 1.21
C GLN B 11 28.61 0.79 0.78
N GLY B 12 27.74 -0.19 1.05
CA GLY B 12 26.35 -0.07 0.70
C GLY B 12 25.63 -1.40 0.61
N PRO B 13 24.37 -1.38 0.21
CA PRO B 13 23.59 -2.61 0.17
C PRO B 13 24.21 -3.67 -0.72
N THR B 14 23.92 -4.93 -0.39
CA THR B 14 24.36 -6.07 -1.19
C THR B 14 23.57 -6.13 -2.49
N SER B 15 24.27 -6.06 -3.62
CA SER B 15 23.65 -6.18 -4.93
C SER B 15 23.64 -7.62 -5.43
N VAL B 16 22.52 -8.01 -6.03
CA VAL B 16 22.25 -9.39 -6.44
C VAL B 16 21.80 -9.40 -7.89
N ALA B 17 22.24 -10.42 -8.63
CA ALA B 17 21.94 -10.51 -10.05
C ALA B 17 21.52 -11.93 -10.42
N TYR B 18 20.25 -12.10 -10.75
CA TYR B 18 19.79 -13.32 -11.38
C TYR B 18 20.27 -13.38 -12.82
N VAL B 19 20.70 -14.54 -13.27
CA VAL B 19 21.17 -14.74 -14.63
C VAL B 19 20.39 -15.89 -15.26
N GLU B 20 19.88 -15.66 -16.44
CA GLU B 20 19.17 -16.71 -17.18
C GLU B 20 20.20 -17.47 -18.00
N VAL B 21 20.68 -18.59 -17.44
CA VAL B 21 21.74 -19.34 -18.11
C VAL B 21 21.29 -20.05 -19.38
N ASN B 22 19.97 -20.14 -19.61
CA ASN B 22 19.49 -20.63 -20.89
C ASN B 22 19.91 -19.72 -22.03
N ASN B 23 20.14 -18.44 -21.76
CA ASN B 23 20.44 -17.47 -22.80
C ASN B 23 21.70 -16.65 -22.55
N ASN B 24 22.20 -16.56 -21.32
CA ASN B 24 23.29 -15.67 -21.01
C ASN B 24 24.34 -16.36 -20.15
N SER B 25 25.54 -15.81 -20.17
CA SER B 25 26.66 -16.36 -19.41
C SER B 25 26.72 -15.71 -18.04
N MET B 26 27.17 -16.50 -17.04
CA MET B 26 27.33 -15.98 -15.70
C MET B 26 28.43 -14.93 -15.63
N LEU B 27 29.40 -15.00 -16.53
CA LEU B 27 30.60 -14.18 -16.38
C LEU B 27 30.30 -12.70 -16.53
N ASN B 28 29.20 -12.32 -17.18
CA ASN B 28 28.89 -10.91 -17.33
C ASN B 28 28.74 -10.22 -15.98
N VAL B 29 28.38 -10.97 -14.94
CA VAL B 29 28.18 -10.36 -13.63
C VAL B 29 29.49 -9.75 -13.14
N GLY B 30 30.61 -10.36 -13.46
CA GLY B 30 31.90 -9.89 -13.01
C GLY B 30 32.54 -8.83 -13.87
N LYS B 31 31.95 -8.50 -15.00
CA LYS B 31 32.54 -7.52 -15.88
C LYS B 31 32.25 -6.08 -15.47
N TYR B 32 31.60 -5.84 -14.34
CA TYR B 32 31.20 -4.51 -13.94
C TYR B 32 31.85 -4.17 -12.62
N THR B 33 32.52 -3.03 -12.58
CA THR B 33 33.24 -2.57 -11.41
C THR B 33 32.93 -1.09 -11.17
N LEU B 34 33.17 -0.64 -9.97
CA LEU B 34 32.87 0.75 -9.63
C LEU B 34 34.00 1.66 -10.14
N ALA B 35 33.61 2.74 -10.80
CA ALA B 35 34.59 3.71 -11.29
C ALA B 35 35.47 4.25 -10.16
N ASP B 36 34.91 4.40 -8.96
CA ASP B 36 35.65 4.97 -7.85
C ASP B 36 36.62 3.97 -7.22
N GLY B 37 36.78 2.79 -7.80
CA GLY B 37 37.70 1.80 -7.30
C GLY B 37 37.19 0.98 -6.13
N GLY B 38 35.89 1.04 -5.85
CA GLY B 38 35.33 0.42 -4.66
C GLY B 38 35.10 -1.08 -4.74
N GLY B 39 35.26 -1.68 -5.92
CA GLY B 39 35.08 -3.11 -6.04
C GLY B 39 33.99 -3.51 -7.03
N ASN B 40 33.44 -4.71 -6.86
CA ASN B 40 32.46 -5.24 -7.80
C ASN B 40 31.17 -4.43 -7.72
N ALA B 41 30.51 -4.29 -8.86
CA ALA B 41 29.17 -3.69 -8.85
C ALA B 41 28.15 -4.69 -8.30
N PHE B 42 28.33 -5.96 -8.57
CA PHE B 42 27.43 -7.01 -8.12
C PHE B 42 28.11 -7.85 -7.05
N ASP B 43 27.37 -8.11 -5.96
CA ASP B 43 27.92 -8.95 -4.90
C ASP B 43 27.53 -10.41 -5.02
N VAL B 44 26.34 -10.70 -5.56
CA VAL B 44 25.77 -12.05 -5.56
C VAL B 44 25.22 -12.37 -6.95
N ALA B 45 25.68 -13.48 -7.50
CA ALA B 45 25.20 -14.00 -8.77
C ALA B 45 24.41 -15.27 -8.52
N VAL B 46 23.28 -15.39 -9.21
CA VAL B 46 22.35 -16.50 -8.99
C VAL B 46 22.09 -17.21 -10.29
N ILE B 47 22.38 -18.52 -10.32
CA ILE B 47 22.16 -19.35 -11.50
C ILE B 47 20.67 -19.70 -11.55
N PHE B 48 19.95 -19.16 -12.55
CA PHE B 48 18.54 -19.43 -12.76
C PHE B 48 18.41 -20.31 -14.00
N ALA B 49 17.90 -21.54 -13.83
CA ALA B 49 17.57 -22.13 -12.54
C ALA B 49 17.51 -23.65 -12.63
N ALA B 50 17.86 -24.33 -11.54
CA ALA B 50 17.65 -25.75 -11.36
C ALA B 50 16.18 -26.00 -11.05
N ASN B 51 15.79 -27.29 -11.03
CA ASN B 51 14.39 -27.64 -10.97
C ASN B 51 14.13 -28.69 -9.90
N ILE B 52 12.92 -28.65 -9.35
CA ILE B 52 12.36 -29.75 -8.57
C ILE B 52 11.43 -30.53 -9.48
N ASN B 53 11.76 -31.78 -9.73
CA ASN B 53 10.97 -32.68 -10.55
C ASN B 53 10.29 -33.71 -9.67
N TYR B 54 9.41 -34.50 -10.30
CA TYR B 54 8.68 -35.57 -9.61
C TYR B 54 8.82 -36.87 -10.40
N ASP B 55 9.20 -37.93 -9.71
CA ASP B 55 9.28 -39.28 -10.30
C ASP B 55 7.96 -39.99 -10.05
N THR B 56 7.25 -40.34 -11.11
CA THR B 56 5.92 -40.93 -10.96
C THR B 56 5.97 -42.34 -10.40
N GLY B 57 7.00 -43.11 -10.76
CA GLY B 57 7.05 -44.51 -10.37
C GLY B 57 7.50 -44.71 -8.94
N THR B 58 8.52 -43.96 -8.53
CA THR B 58 9.00 -43.98 -7.16
C THR B 58 8.24 -43.01 -6.26
N LYS B 59 7.36 -42.18 -6.83
CA LYS B 59 6.55 -41.23 -6.08
C LYS B 59 7.42 -40.34 -5.21
N THR B 60 8.50 -39.83 -5.82
CA THR B 60 9.54 -39.10 -5.10
C THR B 60 10.07 -37.94 -5.93
N ALA B 61 10.30 -36.81 -5.26
CA ALA B 61 10.82 -35.63 -5.92
C ALA B 61 12.35 -35.71 -5.98
N TYR B 62 12.91 -35.11 -7.01
CA TYR B 62 14.35 -35.10 -7.17
C TYR B 62 14.80 -33.79 -7.79
N LEU B 63 16.09 -33.50 -7.61
CA LEU B 63 16.69 -32.29 -8.16
C LEU B 63 17.11 -32.52 -9.61
N HIS B 64 16.69 -31.64 -10.49
CA HIS B 64 16.94 -31.72 -11.91
C HIS B 64 17.73 -30.53 -12.39
N PHE B 65 18.67 -30.79 -13.30
CA PHE B 65 19.40 -29.73 -13.99
C PHE B 65 19.08 -29.84 -15.47
N ASN B 66 18.57 -28.77 -16.08
CA ASN B 66 18.43 -28.79 -17.53
C ASN B 66 19.83 -28.70 -18.16
N GLU B 67 19.85 -28.74 -19.49
CA GLU B 67 21.13 -28.84 -20.20
C GLU B 67 22.01 -27.62 -19.95
N ASN B 68 21.40 -26.44 -19.90
CA ASN B 68 22.17 -25.23 -19.72
C ASN B 68 22.72 -25.13 -18.30
N VAL B 69 21.89 -25.45 -17.31
CA VAL B 69 22.35 -25.40 -15.92
C VAL B 69 23.44 -26.45 -15.69
N GLN B 70 23.25 -27.66 -16.23
CA GLN B 70 24.27 -28.69 -16.07
C GLN B 70 25.59 -28.24 -16.67
N ARG B 71 25.54 -27.64 -17.87
CA ARG B 71 26.76 -27.15 -18.50
C ARG B 71 27.49 -26.15 -17.62
N VAL B 72 26.75 -25.20 -17.04
CA VAL B 72 27.39 -24.20 -16.17
C VAL B 72 28.07 -24.87 -14.99
N LEU B 73 27.38 -25.81 -14.34
CA LEU B 73 27.96 -26.47 -13.17
C LEU B 73 29.10 -27.39 -13.58
N ASP B 74 28.95 -28.15 -14.67
CA ASP B 74 30.03 -28.98 -15.17
C ASP B 74 31.24 -28.15 -15.52
N ASN B 75 31.03 -26.91 -15.93
CA ASN B 75 32.09 -25.98 -16.30
C ASN B 75 32.38 -24.96 -15.20
N ALA B 76 32.12 -25.32 -13.94
CA ALA B 76 32.30 -24.37 -12.85
C ALA B 76 33.65 -23.66 -12.93
N VAL B 77 34.68 -24.39 -13.35
CA VAL B 77 36.03 -23.86 -13.31
C VAL B 77 36.13 -22.58 -14.13
N THR B 78 35.52 -22.55 -15.31
CA THR B 78 35.59 -21.35 -16.13
C THR B 78 34.36 -20.45 -16.03
N GLN B 79 33.22 -20.97 -15.53
CA GLN B 79 31.99 -20.20 -15.50
C GLN B 79 31.58 -19.73 -14.11
N ILE B 80 32.19 -20.24 -13.05
CA ILE B 80 31.73 -19.92 -11.71
C ILE B 80 32.90 -19.46 -10.84
N ARG B 81 34.00 -20.22 -10.87
CA ARG B 81 35.15 -19.86 -10.02
C ARG B 81 35.69 -18.46 -10.31
N PRO B 82 35.83 -18.03 -11.57
CA PRO B 82 36.29 -16.64 -11.81
C PRO B 82 35.49 -15.60 -11.05
N LEU B 83 34.17 -15.78 -10.95
CA LEU B 83 33.35 -14.85 -10.16
C LEU B 83 33.67 -14.95 -8.68
N GLN B 84 33.78 -16.18 -8.17
CA GLN B 84 34.08 -16.37 -6.74
C GLN B 84 35.47 -15.84 -6.40
N GLN B 85 36.43 -16.03 -7.31
CA GLN B 85 37.77 -15.50 -7.07
C GLN B 85 37.77 -13.97 -7.00
N GLN B 86 36.88 -13.34 -7.74
CA GLN B 86 36.67 -11.89 -7.72
C GLN B 86 35.86 -11.44 -6.51
N GLY B 87 35.39 -12.36 -5.68
CA GLY B 87 34.64 -12.03 -4.49
C GLY B 87 33.12 -12.04 -4.62
N ILE B 88 32.59 -12.63 -5.68
CA ILE B 88 31.15 -12.67 -5.91
C ILE B 88 30.59 -14.01 -5.48
N LYS B 89 29.64 -14.01 -4.54
CA LYS B 89 28.95 -15.24 -4.15
C LYS B 89 28.05 -15.71 -5.30
N VAL B 90 28.05 -17.02 -5.53
CA VAL B 90 27.29 -17.61 -6.63
C VAL B 90 26.33 -18.65 -6.06
N LEU B 91 25.04 -18.45 -6.30
CA LEU B 91 24.01 -19.32 -5.75
C LEU B 91 23.32 -20.06 -6.87
N LEU B 92 22.61 -21.13 -6.49
CA LEU B 92 21.79 -21.90 -7.42
C LEU B 92 20.32 -21.74 -7.03
N SER B 93 19.52 -21.21 -7.96
CA SER B 93 18.09 -21.10 -7.74
C SER B 93 17.39 -22.40 -8.15
N VAL B 94 16.31 -22.72 -7.43
CA VAL B 94 15.52 -23.92 -7.66
C VAL B 94 14.06 -23.49 -7.89
N LEU B 95 13.48 -24.03 -8.96
CA LEU B 95 12.18 -23.64 -9.45
C LEU B 95 11.34 -24.89 -9.68
N GLY B 96 10.02 -24.71 -9.58
CA GLY B 96 9.11 -25.77 -9.97
C GLY B 96 9.31 -26.14 -11.41
N ASN B 97 8.66 -27.23 -11.83
CA ASN B 97 8.81 -27.71 -13.20
C ASN B 97 7.61 -28.52 -13.67
N HIS B 98 6.43 -28.12 -13.23
CA HIS B 98 5.15 -28.62 -13.74
C HIS B 98 4.88 -30.08 -13.41
N GLN B 99 5.57 -30.68 -12.47
CA GLN B 99 5.41 -32.12 -12.23
C GLN B 99 4.75 -32.44 -10.91
N GLY B 100 4.27 -31.44 -10.18
CA GLY B 100 3.46 -31.67 -8.99
C GLY B 100 4.23 -31.55 -7.70
N ALA B 101 5.52 -31.90 -7.70
CA ALA B 101 6.37 -31.70 -6.54
C ALA B 101 6.81 -30.25 -6.46
N GLY B 102 6.60 -29.63 -5.31
CA GLY B 102 7.09 -28.29 -5.03
C GLY B 102 7.65 -28.22 -3.62
N PHE B 103 8.20 -27.06 -3.29
CA PHE B 103 8.84 -26.89 -1.99
C PHE B 103 7.85 -26.97 -0.83
N ALA B 104 6.55 -26.84 -1.11
CA ALA B 104 5.57 -26.72 -0.06
C ALA B 104 4.67 -27.96 0.09
N ASN B 105 4.95 -29.05 -0.61
CA ASN B 105 4.05 -30.21 -0.56
C ASN B 105 4.80 -31.51 -0.28
N PHE B 106 5.92 -31.44 0.39
CA PHE B 106 6.58 -32.64 0.89
C PHE B 106 5.69 -33.28 1.96
N PRO B 107 5.43 -34.59 1.89
CA PRO B 107 4.44 -35.18 2.80
C PRO B 107 4.97 -35.46 4.20
N SER B 108 6.28 -35.47 4.39
CA SER B 108 6.85 -35.77 5.68
C SER B 108 8.16 -35.03 5.83
N GLN B 109 8.66 -35.01 7.06
CA GLN B 109 9.97 -34.42 7.33
C GLN B 109 11.07 -35.20 6.61
N GLN B 110 11.04 -36.53 6.72
CA GLN B 110 12.11 -37.32 6.10
C GLN B 110 12.19 -37.09 4.59
N ALA B 111 11.03 -36.89 3.94
CA ALA B 111 11.04 -36.64 2.50
C ALA B 111 11.66 -35.28 2.18
N ALA B 112 11.32 -34.26 2.96
CA ALA B 112 11.92 -32.94 2.76
C ALA B 112 13.42 -33.03 3.02
N SER B 113 13.81 -33.80 4.03
CA SER B 113 15.22 -33.99 4.32
C SER B 113 15.95 -34.57 3.11
N ALA B 114 15.34 -35.59 2.48
CA ALA B 114 15.93 -36.21 1.30
C ALA B 114 16.23 -35.15 0.23
N PHE B 115 15.23 -34.30 -0.09
CA PHE B 115 15.47 -33.26 -1.08
C PHE B 115 16.55 -32.28 -0.61
N ALA B 116 16.48 -31.86 0.65
CA ALA B 116 17.53 -31.02 1.21
C ALA B 116 18.91 -31.62 0.97
N LYS B 117 19.07 -32.93 1.16
CA LYS B 117 20.36 -33.56 0.95
C LYS B 117 20.81 -33.37 -0.51
N GLN B 118 19.89 -33.53 -1.45
CA GLN B 118 20.27 -33.37 -2.86
C GLN B 118 20.72 -31.95 -3.16
N LEU B 119 20.11 -30.96 -2.52
CA LEU B 119 20.62 -29.60 -2.66
C LEU B 119 21.96 -29.43 -1.95
N SER B 120 22.02 -29.88 -0.69
CA SER B 120 23.27 -29.97 0.07
C SER B 120 24.39 -30.55 -0.79
N ASP B 121 24.18 -31.73 -1.37
CA ASP B 121 25.22 -32.41 -2.13
C ASP B 121 25.63 -31.61 -3.35
N ALA B 122 24.66 -31.03 -4.07
CA ALA B 122 24.99 -30.27 -5.26
C ALA B 122 25.84 -29.04 -4.95
N VAL B 123 25.49 -28.31 -3.88
CA VAL B 123 26.28 -27.16 -3.48
C VAL B 123 27.73 -27.54 -3.24
N ALA B 124 27.95 -28.69 -2.61
CA ALA B 124 29.30 -29.10 -2.25
C ALA B 124 30.06 -29.69 -3.43
N LYS B 125 29.36 -30.40 -4.33
CA LYS B 125 30.01 -31.03 -5.47
C LYS B 125 30.55 -29.98 -6.45
N TYR B 126 29.78 -28.92 -6.68
CA TYR B 126 30.15 -27.90 -7.63
C TYR B 126 30.74 -26.67 -6.97
N GLY B 127 30.96 -26.71 -5.65
CA GLY B 127 31.57 -25.61 -4.97
C GLY B 127 30.75 -24.34 -4.96
N LEU B 128 29.43 -24.46 -4.88
CA LEU B 128 28.56 -23.29 -4.88
C LEU B 128 28.59 -22.62 -3.51
N ASP B 129 28.05 -21.40 -3.46
CA ASP B 129 27.99 -20.66 -2.21
C ASP B 129 26.64 -20.77 -1.50
N GLY B 130 25.61 -21.31 -2.14
CA GLY B 130 24.32 -21.44 -1.49
C GLY B 130 23.21 -21.69 -2.50
N VAL B 131 21.99 -21.43 -2.03
CA VAL B 131 20.77 -21.85 -2.73
C VAL B 131 19.72 -20.76 -2.61
N ASP B 132 18.92 -20.63 -3.66
CA ASP B 132 17.77 -19.72 -3.71
C ASP B 132 16.51 -20.49 -4.06
N PHE B 133 15.44 -20.28 -3.30
CA PHE B 133 14.17 -20.96 -3.52
C PHE B 133 13.23 -20.05 -4.26
N ASP B 134 12.65 -20.55 -5.35
CA ASP B 134 11.64 -19.81 -6.12
C ASP B 134 10.45 -20.77 -6.31
N ASP B 135 9.44 -20.63 -5.48
CA ASP B 135 8.32 -21.57 -5.49
C ASP B 135 7.26 -21.16 -6.52
N GLU B 136 7.58 -21.34 -7.79
CA GLU B 136 6.63 -21.19 -8.87
C GLU B 136 6.75 -22.37 -9.82
N TYR B 137 5.71 -22.55 -10.65
CA TYR B 137 5.63 -23.58 -11.68
C TYR B 137 5.59 -25.01 -11.15
N ALA B 138 5.32 -25.22 -9.86
CA ALA B 138 5.24 -26.58 -9.36
C ALA B 138 4.01 -27.32 -9.89
N GLU B 139 2.90 -26.52 -10.05
CA GLU B 139 1.65 -27.15 -10.48
C GLU B 139 1.21 -28.21 -9.48
N TYR B 140 1.21 -27.92 -8.23
CA TYR B 140 0.78 -28.80 -7.15
C TYR B 140 -0.53 -29.50 -7.54
N GLY B 141 -0.55 -30.82 -7.43
CA GLY B 141 -1.68 -31.66 -7.80
C GLY B 141 -1.41 -32.58 -8.98
N ASN B 142 -0.56 -32.16 -9.92
CA ASN B 142 -0.21 -33.02 -11.05
C ASN B 142 0.35 -34.33 -10.55
N ASN B 143 0.05 -35.39 -11.29
CA ASN B 143 0.58 -36.72 -10.99
C ASN B 143 0.18 -37.20 -9.61
N GLY B 144 -1.02 -36.81 -9.16
CA GLY B 144 -1.52 -37.29 -7.89
C GLY B 144 -0.84 -36.70 -6.67
N THR B 145 -0.12 -35.60 -6.82
CA THR B 145 0.57 -35.00 -5.71
C THR B 145 -0.40 -34.24 -4.81
N ALA B 146 0.04 -33.97 -3.59
CA ALA B 146 -0.82 -33.25 -2.66
C ALA B 146 -0.75 -31.75 -2.92
N GLN B 147 -1.64 -31.03 -2.26
CA GLN B 147 -1.63 -29.58 -2.25
C GLN B 147 -0.66 -29.09 -1.17
N PRO B 148 -0.24 -27.85 -1.24
CA PRO B 148 0.67 -27.34 -0.21
C PRO B 148 0.14 -27.63 1.19
N ASN B 149 1.05 -27.95 2.10
CA ASN B 149 0.74 -28.10 3.50
C ASN B 149 1.59 -27.13 4.32
N ASP B 150 1.32 -27.09 5.62
CA ASP B 150 1.93 -26.10 6.49
C ASP B 150 3.34 -26.43 6.95
N SER B 151 3.82 -27.66 6.74
CA SER B 151 5.06 -28.07 7.35
C SER B 151 6.19 -28.32 6.36
N SER B 152 5.86 -28.63 5.10
CA SER B 152 6.86 -29.06 4.13
C SER B 152 8.04 -28.10 4.05
N PHE B 153 7.77 -26.84 3.74
CA PHE B 153 8.85 -25.88 3.54
C PHE B 153 9.67 -25.68 4.82
N VAL B 154 9.03 -25.66 5.97
CA VAL B 154 9.77 -25.52 7.21
C VAL B 154 10.75 -26.68 7.39
N HIS B 155 10.27 -27.90 7.15
CA HIS B 155 11.14 -29.08 7.24
C HIS B 155 12.29 -28.96 6.24
N LEU B 156 11.97 -28.61 4.99
CA LEU B 156 13.01 -28.51 3.97
C LEU B 156 14.08 -27.49 4.37
N VAL B 157 13.67 -26.28 4.77
CA VAL B 157 14.66 -25.26 5.09
C VAL B 157 15.43 -25.63 6.35
N THR B 158 14.73 -26.17 7.36
CA THR B 158 15.42 -26.57 8.59
C THR B 158 16.48 -27.63 8.32
N ALA B 159 16.16 -28.63 7.52
CA ALA B 159 17.14 -29.65 7.17
C ALA B 159 18.28 -29.06 6.33
N LEU B 160 17.95 -28.26 5.31
CA LEU B 160 18.99 -27.74 4.44
C LEU B 160 19.98 -26.87 5.24
N ARG B 161 19.46 -26.00 6.10
CA ARG B 161 20.33 -25.15 6.92
C ARG B 161 21.20 -25.99 7.84
N ALA B 162 20.68 -27.12 8.30
CA ALA B 162 21.51 -28.00 9.14
C ALA B 162 22.63 -28.64 8.32
N ASN B 163 22.36 -28.96 7.04
CA ASN B 163 23.39 -29.53 6.19
C ASN B 163 24.44 -28.50 5.79
N MET B 164 24.04 -27.23 5.66
CA MET B 164 24.92 -26.16 5.21
C MET B 164 24.87 -25.01 6.20
N PRO B 165 25.39 -25.20 7.40
CA PRO B 165 25.36 -24.10 8.39
C PRO B 165 26.11 -22.85 7.92
N ASP B 166 27.04 -22.98 6.97
CA ASP B 166 27.89 -21.88 6.55
C ASP B 166 27.50 -21.30 5.19
N LYS B 167 26.55 -21.90 4.49
CA LYS B 167 26.21 -21.47 3.14
C LYS B 167 25.03 -20.50 3.16
N ILE B 168 24.78 -19.89 2.02
CA ILE B 168 23.68 -18.95 1.85
C ILE B 168 22.42 -19.70 1.42
N ILE B 169 21.31 -19.36 2.04
CA ILE B 169 19.98 -19.77 1.59
C ILE B 169 19.18 -18.50 1.41
N SER B 170 18.61 -18.32 0.22
CA SER B 170 17.81 -17.13 -0.05
C SER B 170 16.41 -17.51 -0.51
N LEU B 171 15.48 -16.56 -0.38
CA LEU B 171 14.07 -16.80 -0.69
C LEU B 171 13.56 -15.74 -1.66
N TYR B 172 13.09 -16.19 -2.82
CA TYR B 172 12.33 -15.39 -3.78
C TYR B 172 10.90 -15.33 -3.26
N ASN B 173 10.56 -14.20 -2.63
CA ASN B 173 9.36 -14.09 -1.81
C ASN B 173 8.07 -14.21 -2.60
N ILE B 174 7.74 -15.43 -3.05
CA ILE B 174 6.54 -15.68 -3.83
C ILE B 174 6.12 -17.14 -3.68
N GLY B 175 4.84 -17.41 -3.92
CA GLY B 175 4.32 -18.74 -3.95
C GLY B 175 3.86 -19.27 -2.62
N PRO B 176 3.34 -20.50 -2.61
CA PRO B 176 2.88 -21.09 -1.34
C PRO B 176 3.95 -21.15 -0.25
N ALA B 177 5.18 -21.55 -0.61
CA ALA B 177 6.23 -21.69 0.41
C ALA B 177 6.45 -20.39 1.16
N ALA B 178 6.42 -19.25 0.46
CA ALA B 178 6.73 -17.99 1.10
C ALA B 178 5.72 -17.64 2.19
N SER B 179 4.54 -18.24 2.16
CA SER B 179 3.54 -18.01 3.19
C SER B 179 3.60 -19.03 4.33
N ARG B 180 4.56 -19.96 4.31
CA ARG B 180 4.55 -21.10 5.24
C ARG B 180 5.92 -21.24 5.90
N LEU B 181 6.36 -20.16 6.55
CA LEU B 181 7.68 -20.10 7.14
C LEU B 181 7.71 -20.54 8.60
N SER B 182 6.57 -20.91 9.16
CA SER B 182 6.53 -21.29 10.56
C SER B 182 5.63 -22.50 10.77
N TYR B 183 6.13 -23.48 11.53
CA TYR B 183 5.41 -24.70 11.82
C TYR B 183 6.03 -25.32 13.07
N GLY B 184 5.17 -25.84 13.95
CA GLY B 184 5.66 -26.59 15.10
C GLY B 184 6.55 -25.83 16.06
N GLY B 185 6.29 -24.54 16.24
CA GLY B 185 7.13 -23.73 17.10
C GLY B 185 8.43 -23.29 16.47
N VAL B 186 8.57 -23.43 15.15
CA VAL B 186 9.78 -23.03 14.45
C VAL B 186 9.39 -22.01 13.38
N ASP B 187 10.06 -20.87 13.39
CA ASP B 187 10.00 -19.89 12.29
C ASP B 187 11.37 -19.90 11.61
N VAL B 188 11.40 -20.34 10.36
CA VAL B 188 12.66 -20.53 9.66
C VAL B 188 13.11 -19.25 8.97
N SER B 189 12.42 -18.14 9.24
CA SER B 189 12.84 -16.86 8.68
C SER B 189 14.31 -16.57 8.99
N ASP B 190 14.75 -16.83 10.22
CA ASP B 190 16.13 -16.57 10.59
C ASP B 190 17.09 -17.62 10.03
N LYS B 191 16.58 -18.68 9.44
CA LYS B 191 17.46 -19.63 8.76
C LYS B 191 17.83 -19.18 7.36
N PHE B 192 17.17 -18.15 6.84
CA PHE B 192 17.54 -17.56 5.56
C PHE B 192 18.60 -16.48 5.77
N ASP B 193 19.44 -16.28 4.76
CA ASP B 193 20.31 -15.11 4.72
C ASP B 193 19.60 -13.91 4.10
N TYR B 194 18.77 -14.14 3.08
CA TYR B 194 18.18 -13.05 2.30
C TYR B 194 16.77 -13.42 1.86
N ALA B 195 15.98 -12.40 1.57
CA ALA B 195 14.66 -12.57 0.99
C ALA B 195 14.36 -11.30 0.21
N TRP B 196 13.74 -11.45 -0.98
CA TRP B 196 13.58 -10.28 -1.82
C TRP B 196 12.26 -10.26 -2.59
N ASN B 197 11.85 -9.05 -2.92
CA ASN B 197 10.67 -8.82 -3.74
C ASN B 197 10.78 -9.54 -5.08
N PRO B 198 9.79 -10.33 -5.48
CA PRO B 198 9.86 -11.01 -6.77
C PRO B 198 9.32 -10.19 -7.92
N TYR B 199 8.62 -9.10 -7.64
CA TYR B 199 7.86 -8.36 -8.66
C TYR B 199 8.77 -7.28 -9.23
N TYR B 200 9.31 -7.55 -10.42
CA TYR B 200 10.40 -6.72 -10.94
C TYR B 200 9.87 -5.36 -11.36
N GLY B 201 10.56 -4.30 -10.96
CA GLY B 201 10.17 -2.96 -11.28
C GLY B 201 9.37 -2.25 -10.21
N THR B 202 9.18 -2.88 -9.06
CA THR B 202 8.36 -2.31 -8.02
C THR B 202 9.14 -2.29 -6.69
N TRP B 203 8.52 -1.64 -5.70
CA TRP B 203 9.02 -1.58 -4.33
C TRP B 203 8.02 -2.36 -3.46
N GLN B 204 8.48 -3.42 -2.83
CA GLN B 204 7.60 -4.24 -2.01
C GLN B 204 8.42 -4.89 -0.91
N VAL B 205 8.22 -4.42 0.31
CA VAL B 205 8.97 -4.97 1.46
C VAL B 205 8.50 -6.41 1.71
N PRO B 206 9.40 -7.39 1.77
CA PRO B 206 8.97 -8.74 2.14
C PRO B 206 8.49 -8.75 3.57
N GLY B 207 7.30 -9.32 3.79
CA GLY B 207 6.74 -9.36 5.13
C GLY B 207 7.30 -10.50 5.96
N ILE B 208 8.60 -10.48 6.21
CA ILE B 208 9.34 -11.62 6.76
C ILE B 208 10.15 -11.15 7.95
N ALA B 209 10.19 -11.98 8.98
CA ALA B 209 10.87 -11.62 10.22
C ALA B 209 12.38 -11.71 10.06
N LEU B 210 12.91 -11.03 9.06
CA LEU B 210 14.34 -10.86 8.89
C LEU B 210 14.69 -9.41 9.07
N PRO B 211 15.93 -9.10 9.43
CA PRO B 211 16.34 -7.69 9.52
C PRO B 211 16.28 -6.98 8.18
N LYS B 212 16.09 -5.67 8.24
CA LYS B 212 16.13 -4.84 7.04
C LYS B 212 17.41 -5.05 6.26
N ALA B 213 18.53 -5.22 6.96
CA ALA B 213 19.82 -5.43 6.32
C ALA B 213 19.85 -6.66 5.42
N GLN B 214 18.88 -7.57 5.56
CA GLN B 214 18.84 -8.80 4.79
C GLN B 214 17.64 -8.91 3.86
N LEU B 215 16.95 -7.79 3.62
CA LEU B 215 15.79 -7.74 2.75
C LEU B 215 16.03 -6.79 1.58
N SER B 216 15.38 -7.10 0.45
CA SER B 216 15.41 -6.23 -0.72
C SER B 216 13.99 -5.90 -1.13
N PRO B 217 13.43 -4.78 -0.69
CA PRO B 217 12.11 -4.38 -1.19
C PRO B 217 12.11 -4.08 -2.68
N ALA B 218 13.25 -3.66 -3.22
CA ALA B 218 13.36 -3.33 -4.64
C ALA B 218 13.72 -4.56 -5.46
N ALA B 219 13.20 -4.58 -6.68
CA ALA B 219 13.49 -5.61 -7.67
C ALA B 219 13.43 -4.93 -9.03
N VAL B 220 14.48 -5.10 -9.83
CA VAL B 220 14.55 -4.50 -11.15
C VAL B 220 15.07 -5.50 -12.17
N GLU B 221 14.57 -5.40 -13.40
CA GLU B 221 15.06 -6.19 -14.52
C GLU B 221 15.95 -5.28 -15.37
N ILE B 222 17.24 -5.60 -15.42
CA ILE B 222 18.19 -4.84 -16.21
C ILE B 222 17.83 -4.97 -17.68
N GLY B 223 17.68 -3.83 -18.36
CA GLY B 223 17.31 -3.79 -19.76
C GLY B 223 15.83 -3.59 -20.01
N ARG B 224 14.99 -3.84 -19.01
CA ARG B 224 13.56 -3.63 -19.11
C ARG B 224 13.08 -2.50 -18.20
N THR B 225 13.44 -2.54 -16.93
CA THR B 225 13.07 -1.45 -16.05
C THR B 225 13.79 -0.18 -16.45
N SER B 226 13.04 0.90 -16.61
CA SER B 226 13.62 2.19 -16.97
C SER B 226 14.66 2.63 -15.94
N ARG B 227 15.70 3.34 -16.42
CA ARG B 227 16.81 3.66 -15.53
C ARG B 227 16.37 4.62 -14.42
N SER B 228 15.34 5.42 -14.68
CA SER B 228 14.85 6.32 -13.64
C SER B 228 14.17 5.53 -12.52
N THR B 229 13.46 4.46 -12.86
CA THR B 229 12.90 3.60 -11.81
C THR B 229 14.00 2.86 -11.07
N VAL B 230 14.97 2.33 -11.81
CA VAL B 230 16.09 1.66 -11.19
C VAL B 230 16.73 2.57 -10.14
N ALA B 231 17.11 3.78 -10.54
CA ALA B 231 17.75 4.70 -9.61
C ALA B 231 16.80 5.06 -8.47
N ASP B 232 15.53 5.33 -8.77
CA ASP B 232 14.58 5.67 -7.70
C ASP B 232 14.53 4.57 -6.64
N LEU B 233 14.53 3.31 -7.08
CA LEU B 233 14.40 2.21 -6.13
C LEU B 233 15.68 2.01 -5.34
N ALA B 234 16.83 2.20 -5.97
CA ALA B 234 18.09 2.10 -5.24
C ALA B 234 18.18 3.18 -4.18
N ARG B 235 17.84 4.42 -4.55
CA ARG B 235 17.79 5.53 -3.62
C ARG B 235 16.92 5.20 -2.41
N ARG B 236 15.69 4.74 -2.66
CA ARG B 236 14.78 4.39 -1.59
C ARG B 236 15.34 3.25 -0.76
N THR B 237 16.03 2.30 -1.40
CA THR B 237 16.69 1.24 -0.65
C THR B 237 17.60 1.84 0.41
N VAL B 238 18.42 2.81 0.00
CA VAL B 238 19.36 3.41 0.95
C VAL B 238 18.64 4.33 1.92
N ASP B 239 17.68 5.11 1.44
CA ASP B 239 17.00 6.07 2.30
C ASP B 239 16.27 5.37 3.43
N GLU B 240 15.59 4.25 3.15
CA GLU B 240 14.85 3.51 4.14
C GLU B 240 15.68 2.44 4.83
N GLY B 241 16.99 2.40 4.55
CA GLY B 241 17.92 1.52 5.27
C GLY B 241 17.77 0.02 5.05
N TYR B 242 17.47 -0.41 3.83
CA TYR B 242 17.50 -1.82 3.49
C TYR B 242 18.89 -2.23 2.98
N GLY B 243 19.19 -3.51 3.08
CA GLY B 243 20.54 -3.98 2.87
C GLY B 243 20.78 -4.82 1.62
N VAL B 244 19.76 -5.02 0.82
CA VAL B 244 19.86 -5.81 -0.40
C VAL B 244 19.13 -5.10 -1.54
N TYR B 245 19.62 -5.34 -2.75
CA TYR B 245 19.05 -4.75 -3.97
C TYR B 245 19.09 -5.80 -5.07
N LEU B 246 17.91 -6.24 -5.51
CA LEU B 246 17.78 -7.38 -6.40
C LEU B 246 17.65 -6.95 -7.85
N THR B 247 18.50 -7.51 -8.72
CA THR B 247 18.43 -7.27 -10.15
C THR B 247 18.30 -8.61 -10.87
N TYR B 248 17.78 -8.56 -12.08
CA TYR B 248 17.47 -9.77 -12.82
C TYR B 248 17.76 -9.60 -14.29
N ASN B 249 18.42 -10.60 -14.88
CA ASN B 249 18.50 -10.81 -16.34
C ASN B 249 19.59 -9.98 -17.02
N LEU B 250 20.65 -9.65 -16.30
CA LEU B 250 21.83 -9.09 -16.95
C LEU B 250 22.26 -9.97 -18.10
N ASP B 251 22.45 -9.36 -19.27
CA ASP B 251 22.84 -10.08 -20.48
C ASP B 251 24.26 -9.69 -20.89
N GLY B 252 24.61 -9.97 -22.15
CA GLY B 252 25.93 -9.71 -22.66
C GLY B 252 26.14 -8.35 -23.30
N GLY B 253 25.07 -7.59 -23.50
CA GLY B 253 25.19 -6.27 -24.04
C GLY B 253 25.91 -5.34 -23.09
N ASP B 254 26.08 -4.10 -23.55
CA ASP B 254 26.68 -3.06 -22.74
C ASP B 254 25.59 -2.46 -21.86
N ARG B 255 25.59 -2.81 -20.59
CA ARG B 255 24.58 -2.32 -19.65
C ARG B 255 25.17 -1.32 -18.66
N THR B 256 26.27 -0.66 -19.06
CA THR B 256 26.96 0.25 -18.16
C THR B 256 26.02 1.28 -17.55
N ALA B 257 25.16 1.88 -18.38
CA ALA B 257 24.26 2.91 -17.87
C ALA B 257 23.21 2.30 -16.94
N ASP B 258 22.70 1.11 -17.26
CA ASP B 258 21.74 0.46 -16.38
C ASP B 258 22.37 0.19 -15.04
N VAL B 259 23.53 -0.47 -15.04
CA VAL B 259 24.21 -0.78 -13.78
C VAL B 259 24.56 0.50 -13.02
N SER B 260 25.09 1.49 -13.73
CA SER B 260 25.42 2.76 -13.07
C SER B 260 24.19 3.38 -12.43
N ALA B 261 23.00 3.13 -13.00
CA ALA B 261 21.78 3.72 -12.45
C ALA B 261 21.61 3.40 -10.97
N PHE B 262 22.04 2.21 -10.53
CA PHE B 262 21.90 1.86 -9.11
C PHE B 262 23.21 1.93 -8.34
N THR B 263 24.37 1.75 -8.99
CA THR B 263 25.63 1.89 -8.26
C THR B 263 25.81 3.32 -7.77
N ARG B 264 25.37 4.30 -8.56
CA ARG B 264 25.43 5.69 -8.12
C ARG B 264 24.73 5.88 -6.78
N GLU B 265 23.57 5.26 -6.61
CA GLU B 265 22.78 5.46 -5.40
C GLU B 265 23.17 4.52 -4.27
N LEU B 266 23.49 3.26 -4.59
CA LEU B 266 23.91 2.32 -3.54
C LEU B 266 25.30 2.65 -3.01
N TYR B 267 26.20 3.07 -3.90
CA TYR B 267 27.61 3.15 -3.57
C TYR B 267 28.23 4.53 -3.81
N GLY B 268 27.52 5.41 -4.50
CA GLY B 268 28.06 6.72 -4.79
C GLY B 268 29.09 6.72 -5.89
N SER B 269 29.06 5.74 -6.76
CA SER B 269 30.03 5.67 -7.85
C SER B 269 29.35 5.13 -9.10
N GLU B 270 29.83 5.59 -10.26
CA GLU B 270 29.41 5.03 -11.53
C GLU B 270 30.03 3.66 -11.73
N ALA B 271 29.42 2.89 -12.61
CA ALA B 271 29.92 1.57 -12.95
C ALA B 271 30.75 1.66 -14.23
N VAL B 272 31.76 0.80 -14.31
CA VAL B 272 32.59 0.68 -15.50
C VAL B 272 32.65 -0.79 -15.90
N ARG B 273 32.56 -1.04 -17.21
CA ARG B 273 32.51 -2.39 -17.76
C ARG B 273 33.81 -2.74 -18.45
N THR B 274 34.32 -3.93 -18.14
CA THR B 274 35.53 -4.45 -18.77
C THR B 274 35.19 -5.70 -19.59
N TYR C 7 -27.89 -20.49 -24.61
CA TYR C 7 -26.96 -19.41 -24.91
C TYR C 7 -27.41 -18.12 -24.21
N MET C 8 -27.04 -17.99 -22.94
CA MET C 8 -27.31 -16.78 -22.17
C MET C 8 -26.06 -15.91 -22.11
N VAL C 9 -26.29 -14.62 -21.89
CA VAL C 9 -25.19 -13.66 -21.77
C VAL C 9 -24.61 -13.76 -20.36
N LYS C 10 -23.28 -13.86 -20.28
CA LYS C 10 -22.62 -13.82 -18.99
C LYS C 10 -22.69 -12.41 -18.41
N GLN C 11 -22.44 -12.32 -17.11
CA GLN C 11 -22.39 -11.02 -16.44
C GLN C 11 -21.14 -10.97 -15.57
N GLY C 12 -20.33 -9.93 -15.72
CA GLY C 12 -19.14 -9.75 -14.92
C GLY C 12 -18.12 -8.89 -15.63
N PRO C 13 -16.97 -8.74 -14.98
CA PRO C 13 -15.91 -7.89 -15.55
C PRO C 13 -15.40 -8.37 -16.91
N THR C 14 -14.92 -7.41 -17.71
CA THR C 14 -14.28 -7.72 -18.99
C THR C 14 -12.93 -8.38 -18.75
N SER C 15 -12.77 -9.61 -19.21
CA SER C 15 -11.49 -10.29 -19.08
C SER C 15 -10.67 -10.10 -20.35
N VAL C 16 -9.36 -10.01 -20.17
CA VAL C 16 -8.46 -9.68 -21.28
C VAL C 16 -7.33 -10.67 -21.35
N ALA C 17 -6.88 -10.95 -22.59
CA ALA C 17 -5.82 -11.93 -22.81
C ALA C 17 -4.73 -11.38 -23.73
N TYR C 18 -3.57 -11.05 -23.15
CA TYR C 18 -2.37 -10.82 -23.96
C TYR C 18 -1.90 -12.15 -24.50
N VAL C 19 -1.54 -12.20 -25.78
CA VAL C 19 -1.03 -13.41 -26.41
C VAL C 19 0.29 -13.12 -27.08
N GLU C 20 1.37 -13.75 -26.59
CA GLU C 20 2.70 -13.65 -27.20
C GLU C 20 2.69 -14.40 -28.52
N VAL C 21 2.48 -13.70 -29.63
CA VAL C 21 2.31 -14.38 -30.90
C VAL C 21 3.62 -14.84 -31.51
N ASN C 22 4.77 -14.48 -30.91
CA ASN C 22 6.02 -15.12 -31.29
C ASN C 22 6.01 -16.61 -30.98
N ASN C 23 5.12 -17.06 -30.08
CA ASN C 23 5.15 -18.42 -29.56
C ASN C 23 3.81 -19.14 -29.69
N ASN C 24 2.71 -18.44 -29.54
CA ASN C 24 1.39 -19.04 -29.46
C ASN C 24 0.45 -18.38 -30.44
N SER C 25 -0.68 -19.03 -30.68
CA SER C 25 -1.68 -18.56 -31.62
C SER C 25 -2.76 -17.76 -30.89
N MET C 26 -3.35 -16.80 -31.62
CA MET C 26 -4.47 -16.03 -31.08
C MET C 26 -5.69 -16.92 -30.84
N LEU C 27 -5.82 -18.00 -31.62
CA LEU C 27 -7.07 -18.76 -31.63
C LEU C 27 -7.34 -19.48 -30.33
N ASN C 28 -6.33 -19.70 -29.50
CA ASN C 28 -6.56 -20.32 -28.20
C ASN C 28 -7.51 -19.49 -27.34
N VAL C 29 -7.63 -18.18 -27.60
CA VAL C 29 -8.42 -17.31 -26.75
C VAL C 29 -9.90 -17.62 -26.90
N GLY C 30 -10.32 -18.06 -28.11
CA GLY C 30 -11.70 -18.43 -28.34
C GLY C 30 -12.07 -19.86 -28.05
N LYS C 31 -11.10 -20.69 -27.66
CA LYS C 31 -11.38 -22.08 -27.35
C LYS C 31 -11.91 -22.26 -25.94
N TYR C 32 -12.05 -21.18 -25.17
CA TYR C 32 -12.47 -21.26 -23.79
C TYR C 32 -13.80 -20.55 -23.64
N THR C 33 -14.80 -21.27 -23.14
CA THR C 33 -16.14 -20.74 -22.99
C THR C 33 -16.67 -21.16 -21.63
N LEU C 34 -17.80 -20.59 -21.24
CA LEU C 34 -18.37 -20.87 -19.94
C LEU C 34 -19.36 -22.02 -20.03
N ALA C 35 -19.38 -22.86 -19.00
CA ALA C 35 -20.27 -24.01 -18.98
C ALA C 35 -21.72 -23.61 -18.75
N ASP C 36 -21.96 -22.45 -18.13
CA ASP C 36 -23.32 -22.11 -17.70
C ASP C 36 -24.16 -21.52 -18.82
N GLY C 37 -23.54 -20.84 -19.79
CA GLY C 37 -24.32 -20.20 -20.83
C GLY C 37 -23.58 -20.05 -22.14
N GLY C 38 -22.44 -20.72 -22.28
CA GLY C 38 -21.71 -20.73 -23.51
C GLY C 38 -21.00 -19.44 -23.86
N GLY C 39 -21.03 -18.43 -22.98
CA GLY C 39 -20.33 -17.20 -23.27
C GLY C 39 -18.83 -17.37 -23.32
N ASN C 40 -18.17 -16.44 -24.00
CA ASN C 40 -16.70 -16.45 -24.03
C ASN C 40 -16.15 -16.21 -22.64
N ALA C 41 -15.11 -16.96 -22.29
CA ALA C 41 -14.38 -16.71 -21.05
C ALA C 41 -13.54 -15.44 -21.18
N PHE C 42 -13.02 -15.17 -22.37
CA PHE C 42 -12.21 -13.98 -22.63
C PHE C 42 -13.00 -13.02 -23.51
N ASP C 43 -13.02 -11.74 -23.14
CA ASP C 43 -13.71 -10.74 -23.91
C ASP C 43 -12.78 -9.96 -24.85
N VAL C 44 -11.48 -9.91 -24.55
CA VAL C 44 -10.56 -9.07 -25.31
C VAL C 44 -9.25 -9.84 -25.47
N ALA C 45 -8.77 -9.91 -26.71
CA ALA C 45 -7.50 -10.53 -27.05
C ALA C 45 -6.57 -9.44 -27.53
N VAL C 46 -5.31 -9.50 -27.10
CA VAL C 46 -4.33 -8.49 -27.49
C VAL C 46 -3.15 -9.18 -28.13
N ILE C 47 -2.82 -8.76 -29.35
CA ILE C 47 -1.67 -9.28 -30.08
C ILE C 47 -0.41 -8.61 -29.53
N PHE C 48 0.45 -9.37 -28.89
CA PHE C 48 1.70 -8.81 -28.33
C PHE C 48 2.88 -9.36 -29.12
N ALA C 49 3.57 -8.50 -29.87
CA ALA C 49 3.28 -7.07 -29.99
C ALA C 49 3.98 -6.45 -31.19
N ALA C 50 3.30 -5.50 -31.82
CA ALA C 50 3.94 -4.60 -32.77
C ALA C 50 4.94 -3.71 -32.05
N ASN C 51 5.75 -2.97 -32.83
CA ASN C 51 6.79 -2.14 -32.26
C ASN C 51 6.72 -0.72 -32.81
N ILE C 52 7.32 0.19 -32.06
CA ILE C 52 7.65 1.53 -32.54
C ILE C 52 9.14 1.54 -32.84
N ASN C 53 9.47 1.78 -34.12
CA ASN C 53 10.84 1.86 -34.61
C ASN C 53 11.18 3.31 -34.97
N TYR C 54 12.47 3.56 -35.14
CA TYR C 54 12.99 4.88 -35.48
C TYR C 54 13.76 4.78 -36.78
N ASP C 55 13.21 5.40 -37.84
CA ASP C 55 13.90 5.48 -39.14
C ASP C 55 15.04 6.49 -39.04
N THR C 56 16.28 5.99 -38.96
CA THR C 56 17.43 6.88 -38.87
C THR C 56 17.43 7.92 -40.00
N GLY C 57 17.25 7.47 -41.24
CA GLY C 57 17.34 8.35 -42.39
C GLY C 57 16.32 9.47 -42.35
N THR C 58 15.04 9.11 -42.33
CA THR C 58 13.99 10.11 -42.24
C THR C 58 13.98 10.82 -40.90
N LYS C 59 14.74 10.34 -39.92
CA LYS C 59 14.67 10.85 -38.54
C LYS C 59 13.24 10.79 -38.00
N THR C 60 12.47 9.77 -38.40
CA THR C 60 11.06 9.66 -38.08
C THR C 60 10.78 8.28 -37.49
N ALA C 61 9.86 8.26 -36.52
CA ALA C 61 9.37 7.00 -35.96
C ALA C 61 8.36 6.37 -36.90
N TYR C 62 8.26 5.03 -36.86
CA TYR C 62 7.29 4.30 -37.66
C TYR C 62 6.90 3.00 -36.98
N LEU C 63 5.73 2.49 -37.38
CA LEU C 63 5.20 1.24 -36.86
C LEU C 63 5.83 0.04 -37.59
N HIS C 64 6.36 -0.88 -36.79
CA HIS C 64 7.08 -2.04 -37.29
C HIS C 64 6.41 -3.32 -36.80
N PHE C 65 6.45 -4.35 -37.63
CA PHE C 65 5.91 -5.66 -37.29
C PHE C 65 6.99 -6.71 -37.47
N ASN C 66 7.34 -7.43 -36.39
CA ASN C 66 8.22 -8.56 -36.56
C ASN C 66 7.53 -9.64 -37.38
N GLU C 67 8.29 -10.69 -37.70
CA GLU C 67 7.81 -11.70 -38.64
C GLU C 67 6.50 -12.33 -38.17
N ASN C 68 6.40 -12.63 -36.88
CA ASN C 68 5.23 -13.33 -36.39
C ASN C 68 4.01 -12.43 -36.29
N VAL C 69 4.22 -11.17 -35.88
CA VAL C 69 3.10 -10.24 -35.84
C VAL C 69 2.61 -9.94 -37.24
N GLN C 70 3.52 -9.77 -38.19
CA GLN C 70 3.12 -9.55 -39.57
C GLN C 70 2.34 -10.74 -40.12
N ARG C 71 2.73 -11.96 -39.73
CA ARG C 71 2.02 -13.15 -40.18
C ARG C 71 0.59 -13.13 -39.68
N VAL C 72 0.39 -12.83 -38.39
CA VAL C 72 -0.95 -12.85 -37.83
C VAL C 72 -1.85 -11.85 -38.57
N LEU C 73 -1.33 -10.66 -38.83
CA LEU C 73 -2.15 -9.64 -39.50
C LEU C 73 -2.41 -10.00 -40.96
N ASP C 74 -1.40 -10.45 -41.68
CA ASP C 74 -1.60 -10.86 -43.07
C ASP C 74 -2.63 -11.95 -43.18
N ASN C 75 -2.76 -12.79 -42.15
CA ASN C 75 -3.74 -13.88 -42.14
C ASN C 75 -4.86 -13.60 -41.14
N ALA C 76 -5.30 -12.34 -41.10
CA ALA C 76 -6.33 -11.96 -40.13
C ALA C 76 -7.62 -12.73 -40.32
N VAL C 77 -7.93 -13.11 -41.56
CA VAL C 77 -9.21 -13.78 -41.81
C VAL C 77 -9.28 -15.14 -41.12
N THR C 78 -8.13 -15.77 -40.88
CA THR C 78 -8.12 -17.04 -40.16
C THR C 78 -7.56 -16.94 -38.75
N GLN C 79 -6.80 -15.88 -38.44
CA GLN C 79 -6.21 -15.73 -37.12
C GLN C 79 -6.95 -14.73 -36.23
N ILE C 80 -7.53 -13.69 -36.82
CA ILE C 80 -8.23 -12.65 -36.09
C ILE C 80 -9.73 -12.74 -36.28
N ARG C 81 -10.19 -12.76 -37.53
CA ARG C 81 -11.62 -12.68 -37.79
C ARG C 81 -12.45 -13.73 -37.06
N PRO C 82 -12.01 -14.98 -36.94
CA PRO C 82 -12.80 -15.94 -36.13
C PRO C 82 -13.01 -15.48 -34.69
N LEU C 83 -11.98 -14.87 -34.07
CA LEU C 83 -12.15 -14.30 -32.73
C LEU C 83 -13.24 -13.25 -32.72
N GLN C 84 -13.18 -12.32 -33.67
CA GLN C 84 -14.14 -11.23 -33.71
C GLN C 84 -15.55 -11.72 -34.01
N GLN C 85 -15.68 -12.69 -34.92
CA GLN C 85 -17.00 -13.25 -35.20
C GLN C 85 -17.57 -13.96 -33.97
N GLN C 86 -16.72 -14.51 -33.11
CA GLN C 86 -17.11 -15.05 -31.82
C GLN C 86 -17.49 -13.96 -30.82
N GLY C 87 -17.29 -12.69 -31.18
CA GLY C 87 -17.56 -11.60 -30.26
C GLY C 87 -16.41 -11.20 -29.39
N ILE C 88 -15.19 -11.58 -29.73
CA ILE C 88 -14.00 -11.24 -28.96
C ILE C 88 -13.31 -10.10 -29.69
N LYS C 89 -13.20 -8.95 -29.03
CA LYS C 89 -12.46 -7.82 -29.60
C LYS C 89 -10.97 -8.12 -29.57
N VAL C 90 -10.25 -7.60 -30.57
CA VAL C 90 -8.85 -7.93 -30.79
C VAL C 90 -8.06 -6.64 -30.96
N LEU C 91 -7.10 -6.41 -30.07
CA LEU C 91 -6.26 -5.22 -30.10
C LEU C 91 -4.84 -5.56 -30.50
N LEU C 92 -4.14 -4.54 -30.99
CA LEU C 92 -2.72 -4.61 -31.30
C LEU C 92 -1.95 -3.80 -30.27
N SER C 93 -1.08 -4.47 -29.51
CA SER C 93 -0.22 -3.80 -28.56
C SER C 93 1.03 -3.29 -29.27
N VAL C 94 1.56 -2.17 -28.80
CA VAL C 94 2.77 -1.58 -29.38
C VAL C 94 3.78 -1.37 -28.28
N LEU C 95 5.01 -1.83 -28.51
CA LEU C 95 6.09 -1.82 -27.54
C LEU C 95 7.28 -1.09 -28.10
N GLY C 96 8.09 -0.50 -27.21
CA GLY C 96 9.39 -0.01 -27.62
C GLY C 96 10.23 -1.11 -28.25
N ASN C 97 11.28 -0.69 -28.99
CA ASN C 97 12.10 -1.66 -29.71
C ASN C 97 13.57 -1.25 -29.77
N HIS C 98 14.06 -0.55 -28.77
CA HIS C 98 15.47 -0.23 -28.59
C HIS C 98 16.02 0.76 -29.61
N GLN C 99 15.16 1.48 -30.33
CA GLN C 99 15.61 2.37 -31.40
C GLN C 99 15.52 3.84 -31.03
N GLY C 100 15.37 4.14 -29.74
CA GLY C 100 15.39 5.52 -29.28
C GLY C 100 14.05 6.23 -29.29
N ALA C 101 13.17 5.86 -30.22
CA ALA C 101 11.85 6.46 -30.32
C ALA C 101 10.86 5.73 -29.42
N GLY C 102 10.12 6.49 -28.62
CA GLY C 102 9.08 5.92 -27.77
C GLY C 102 7.86 6.82 -27.75
N PHE C 103 6.86 6.38 -26.98
CA PHE C 103 5.59 7.10 -26.98
C PHE C 103 5.69 8.45 -26.29
N ALA C 104 6.71 8.66 -25.46
CA ALA C 104 6.83 9.88 -24.68
C ALA C 104 7.94 10.83 -25.12
N ASN C 105 8.54 10.63 -26.29
CA ASN C 105 9.59 11.54 -26.77
C ASN C 105 9.39 12.00 -28.22
N PHE C 106 8.17 12.08 -28.68
CA PHE C 106 7.91 12.74 -29.95
C PHE C 106 8.22 14.23 -29.82
N PRO C 107 8.94 14.83 -30.76
CA PRO C 107 9.40 16.21 -30.58
C PRO C 107 8.34 17.26 -30.87
N SER C 108 7.22 16.90 -31.46
CA SER C 108 6.23 17.87 -31.87
C SER C 108 4.87 17.19 -31.89
N GLN C 109 3.83 18.01 -31.80
CA GLN C 109 2.46 17.53 -32.05
C GLN C 109 2.34 16.90 -33.42
N GLN C 110 3.04 17.43 -34.42
CA GLN C 110 2.92 16.90 -35.77
C GLN C 110 3.60 15.54 -35.89
N ALA C 111 4.77 15.37 -35.30
CA ALA C 111 5.40 14.05 -35.30
C ALA C 111 4.50 13.01 -34.62
N ALA C 112 3.86 13.37 -33.51
CA ALA C 112 3.01 12.42 -32.82
C ALA C 112 1.81 12.04 -33.66
N SER C 113 1.18 13.03 -34.31
CA SER C 113 -0.01 12.74 -35.11
C SER C 113 0.33 11.86 -36.31
N ALA C 114 1.56 11.95 -36.82
CA ALA C 114 1.95 11.08 -37.93
C ALA C 114 2.01 9.62 -37.48
N PHE C 115 2.64 9.36 -36.34
CA PHE C 115 2.64 8.00 -35.81
C PHE C 115 1.23 7.53 -35.52
N ALA C 116 0.38 8.43 -35.00
CA ALA C 116 -0.99 8.03 -34.72
C ALA C 116 -1.71 7.61 -35.99
N LYS C 117 -1.44 8.30 -37.11
CA LYS C 117 -2.05 7.90 -38.38
C LYS C 117 -1.59 6.50 -38.78
N GLN C 118 -0.30 6.21 -38.64
CA GLN C 118 0.13 4.84 -38.88
C GLN C 118 -0.69 3.83 -38.06
N LEU C 119 -0.84 4.10 -36.78
CA LEU C 119 -1.57 3.18 -35.92
C LEU C 119 -3.00 3.01 -36.40
N SER C 120 -3.71 4.13 -36.60
CA SER C 120 -5.10 4.03 -37.04
C SER C 120 -5.22 3.44 -38.44
N ASP C 121 -4.18 3.60 -39.27
CA ASP C 121 -4.15 2.96 -40.57
C ASP C 121 -4.06 1.44 -40.43
N ALA C 122 -3.14 0.96 -39.59
CA ALA C 122 -3.00 -0.48 -39.39
C ALA C 122 -4.27 -1.07 -38.80
N VAL C 123 -4.89 -0.37 -37.86
CA VAL C 123 -6.15 -0.83 -37.28
C VAL C 123 -7.18 -1.05 -38.37
N ALA C 124 -7.36 -0.05 -39.24
CA ALA C 124 -8.38 -0.15 -40.29
C ALA C 124 -7.99 -1.19 -41.34
N LYS C 125 -6.70 -1.29 -41.67
CA LYS C 125 -6.29 -2.16 -42.76
C LYS C 125 -6.48 -3.63 -42.41
N TYR C 126 -6.24 -4.00 -41.15
CA TYR C 126 -6.39 -5.38 -40.72
C TYR C 126 -7.65 -5.63 -39.95
N GLY C 127 -8.54 -4.66 -39.88
CA GLY C 127 -9.82 -4.87 -39.20
C GLY C 127 -9.70 -5.13 -37.73
N LEU C 128 -8.84 -4.40 -37.04
CA LEU C 128 -8.65 -4.57 -35.60
C LEU C 128 -9.61 -3.68 -34.82
N ASP C 129 -9.71 -3.97 -33.53
CA ASP C 129 -10.65 -3.26 -32.67
C ASP C 129 -9.99 -2.15 -31.86
N GLY C 130 -8.68 -1.98 -31.98
CA GLY C 130 -7.99 -0.95 -31.23
C GLY C 130 -6.52 -1.29 -31.06
N VAL C 131 -5.88 -0.56 -30.15
CA VAL C 131 -4.47 -0.72 -29.85
C VAL C 131 -4.23 -0.55 -28.35
N ASP C 132 -3.07 -1.05 -27.91
CA ASP C 132 -2.66 -1.06 -26.52
C ASP C 132 -1.24 -0.52 -26.46
N PHE C 133 -0.99 0.42 -25.55
CA PHE C 133 0.33 1.01 -25.40
C PHE C 133 1.10 0.35 -24.25
N ASP C 134 2.36 -0.03 -24.52
CA ASP C 134 3.26 -0.62 -23.53
C ASP C 134 4.61 0.11 -23.66
N ASP C 135 4.79 1.15 -22.84
CA ASP C 135 5.96 2.02 -22.97
C ASP C 135 7.16 1.42 -22.24
N GLU C 136 7.72 0.39 -22.86
CA GLU C 136 8.93 -0.25 -22.38
C GLU C 136 9.84 -0.53 -23.56
N TYR C 137 11.13 -0.69 -23.25
CA TYR C 137 12.17 -1.06 -24.21
C TYR C 137 12.46 0.03 -25.23
N ALA C 138 11.89 1.23 -25.10
CA ALA C 138 12.11 2.27 -26.09
C ALA C 138 13.58 2.64 -26.18
N GLU C 139 14.28 2.61 -25.05
CA GLU C 139 15.67 3.04 -24.95
C GLU C 139 15.81 4.48 -25.44
N TYR C 140 15.03 5.36 -24.80
CA TYR C 140 15.02 6.78 -25.14
C TYR C 140 16.43 7.33 -25.18
N GLY C 141 16.78 8.00 -26.27
CA GLY C 141 18.08 8.59 -26.43
C GLY C 141 18.98 7.88 -27.42
N ASN C 142 18.71 6.61 -27.72
CA ASN C 142 19.43 5.94 -28.79
C ASN C 142 19.23 6.67 -30.10
N ASN C 143 20.25 6.61 -30.96
CA ASN C 143 20.17 7.21 -32.29
C ASN C 143 19.94 8.72 -32.22
N GLY C 144 20.38 9.34 -31.13
CA GLY C 144 20.26 10.78 -31.00
C GLY C 144 18.84 11.27 -30.79
N THR C 145 17.97 10.45 -30.20
CA THR C 145 16.63 10.87 -29.87
C THR C 145 16.62 11.59 -28.53
N ALA C 146 15.47 12.20 -28.21
CA ALA C 146 15.35 12.94 -26.97
C ALA C 146 14.92 12.02 -25.82
N GLN C 147 15.07 12.53 -24.60
CA GLN C 147 14.51 11.89 -23.41
C GLN C 147 13.01 12.12 -23.37
N PRO C 148 12.30 11.41 -22.49
CA PRO C 148 10.84 11.61 -22.40
C PRO C 148 10.53 13.08 -22.13
N ASN C 149 9.47 13.58 -22.74
CA ASN C 149 9.02 14.94 -22.51
C ASN C 149 7.54 14.96 -22.11
N ASP C 150 7.13 16.10 -21.55
CA ASP C 150 5.82 16.18 -20.93
C ASP C 150 4.67 16.11 -21.92
N SER C 151 4.89 16.38 -23.21
CA SER C 151 3.78 16.55 -24.14
C SER C 151 3.60 15.44 -25.17
N SER C 152 4.61 14.61 -25.42
CA SER C 152 4.55 13.68 -26.55
C SER C 152 3.31 12.76 -26.47
N PHE C 153 3.10 12.15 -25.31
CA PHE C 153 2.05 11.14 -25.22
C PHE C 153 0.66 11.76 -25.31
N VAL C 154 0.45 12.93 -24.69
CA VAL C 154 -0.82 13.64 -24.84
C VAL C 154 -1.10 13.93 -26.31
N HIS C 155 -0.09 14.43 -27.04
CA HIS C 155 -0.24 14.60 -28.49
C HIS C 155 -0.56 13.27 -29.17
N LEU C 156 0.19 12.22 -28.85
CA LEU C 156 -0.01 10.94 -29.52
C LEU C 156 -1.41 10.40 -29.26
N VAL C 157 -1.81 10.33 -28.00
CA VAL C 157 -3.10 9.76 -27.68
C VAL C 157 -4.24 10.61 -28.20
N THR C 158 -4.09 11.94 -28.20
CA THR C 158 -5.16 12.81 -28.68
C THR C 158 -5.38 12.62 -30.18
N ALA C 159 -4.31 12.55 -30.95
CA ALA C 159 -4.45 12.35 -32.39
C ALA C 159 -5.04 10.98 -32.70
N LEU C 160 -4.65 9.96 -31.93
CA LEU C 160 -5.13 8.61 -32.21
C LEU C 160 -6.62 8.50 -31.95
N ARG C 161 -7.06 9.01 -30.79
CA ARG C 161 -8.49 8.97 -30.48
C ARG C 161 -9.30 9.78 -31.49
N ALA C 162 -8.72 10.87 -32.00
CA ALA C 162 -9.37 11.63 -33.07
C ALA C 162 -9.49 10.79 -34.34
N ASN C 163 -8.48 9.96 -34.64
CA ASN C 163 -8.53 9.15 -35.85
C ASN C 163 -9.49 7.96 -35.73
N MET C 164 -9.66 7.41 -34.55
CA MET C 164 -10.58 6.29 -34.32
C MET C 164 -11.47 6.60 -33.13
N PRO C 165 -12.44 7.49 -33.28
CA PRO C 165 -13.33 7.79 -32.16
C PRO C 165 -14.13 6.61 -31.69
N ASP C 166 -14.23 5.55 -32.50
CA ASP C 166 -15.08 4.41 -32.19
C ASP C 166 -14.30 3.16 -31.84
N LYS C 167 -12.99 3.26 -31.70
CA LYS C 167 -12.13 2.11 -31.45
C LYS C 167 -11.63 2.11 -30.01
N ILE C 168 -11.03 0.99 -29.63
CA ILE C 168 -10.53 0.80 -28.27
C ILE C 168 -9.10 1.29 -28.17
N ILE C 169 -8.81 2.10 -27.17
CA ILE C 169 -7.44 2.46 -26.81
C ILE C 169 -7.23 2.05 -25.36
N SER C 170 -6.16 1.29 -25.11
CA SER C 170 -5.89 0.80 -23.77
C SER C 170 -4.45 1.10 -23.38
N LEU C 171 -4.21 1.16 -22.07
CA LEU C 171 -2.92 1.54 -21.52
C LEU C 171 -2.42 0.45 -20.58
N TYR C 172 -1.28 -0.13 -20.91
CA TYR C 172 -0.44 -0.89 -19.99
C TYR C 172 0.26 0.09 -19.06
N ASN C 173 -0.15 0.09 -17.78
CA ASN C 173 0.15 1.21 -16.89
C ASN C 173 1.59 1.14 -16.36
N ILE C 174 2.53 1.43 -17.26
CA ILE C 174 3.94 1.41 -16.95
C ILE C 174 4.69 2.39 -17.84
N GLY C 175 5.89 2.77 -17.41
CA GLY C 175 6.78 3.49 -18.27
C GLY C 175 6.52 4.98 -18.27
N PRO C 176 7.38 5.73 -18.97
CA PRO C 176 7.30 7.19 -18.87
C PRO C 176 5.98 7.77 -19.32
N ALA C 177 5.36 7.19 -20.37
CA ALA C 177 4.10 7.74 -20.87
C ALA C 177 3.00 7.65 -19.82
N ALA C 178 3.05 6.63 -18.97
CA ALA C 178 1.95 6.37 -18.06
C ALA C 178 1.82 7.44 -17.00
N SER C 179 2.88 8.22 -16.75
CA SER C 179 2.83 9.31 -15.79
C SER C 179 2.75 10.66 -16.46
N ARG C 180 2.49 10.72 -17.76
CA ARG C 180 2.44 11.98 -18.52
C ARG C 180 1.15 12.07 -19.34
N LEU C 181 0.00 12.11 -18.65
CA LEU C 181 -1.29 12.08 -19.32
C LEU C 181 -1.99 13.44 -19.33
N SER C 182 -1.31 14.49 -18.88
CA SER C 182 -1.86 15.84 -18.87
C SER C 182 -0.84 16.79 -19.47
N TYR C 183 -1.30 17.69 -20.34
CA TYR C 183 -0.43 18.71 -20.93
C TYR C 183 -1.28 19.73 -21.64
N GLY C 184 -0.93 21.00 -21.42
CA GLY C 184 -1.59 22.09 -22.12
C GLY C 184 -3.09 22.15 -21.90
N GLY C 185 -3.55 21.83 -20.69
CA GLY C 185 -4.96 21.84 -20.38
C GLY C 185 -5.76 20.66 -20.88
N VAL C 186 -5.12 19.66 -21.47
CA VAL C 186 -5.79 18.45 -21.92
C VAL C 186 -5.32 17.29 -21.05
N ASP C 187 -6.27 16.57 -20.46
CA ASP C 187 -6.02 15.32 -19.75
C ASP C 187 -6.59 14.20 -20.59
N VAL C 188 -5.72 13.35 -21.16
CA VAL C 188 -6.18 12.33 -22.11
C VAL C 188 -6.64 11.08 -21.36
N SER C 189 -6.79 11.19 -20.03
CA SER C 189 -7.17 10.02 -19.26
C SER C 189 -8.47 9.43 -19.78
N ASP C 190 -9.47 10.28 -20.05
CA ASP C 190 -10.77 9.83 -20.53
C ASP C 190 -10.77 9.50 -22.01
N LYS C 191 -9.62 9.57 -22.67
CA LYS C 191 -9.51 9.10 -24.05
C LYS C 191 -9.23 7.60 -24.14
N PHE C 192 -8.83 6.97 -23.02
CA PHE C 192 -8.61 5.54 -22.98
C PHE C 192 -9.90 4.82 -22.66
N ASP C 193 -10.09 3.64 -23.24
CA ASP C 193 -11.16 2.76 -22.79
C ASP C 193 -10.75 1.98 -21.55
N TYR C 194 -9.47 1.63 -21.43
CA TYR C 194 -9.04 0.73 -20.38
C TYR C 194 -7.61 1.07 -19.94
N ALA C 195 -7.32 0.75 -18.68
CA ALA C 195 -5.97 0.80 -18.14
C ALA C 195 -5.86 -0.35 -17.15
N TRP C 196 -4.68 -0.98 -17.08
CA TRP C 196 -4.56 -2.14 -16.21
C TRP C 196 -3.17 -2.25 -15.60
N ASN C 197 -3.12 -2.83 -14.40
CA ASN C 197 -1.88 -3.14 -13.70
C ASN C 197 -0.95 -3.94 -14.60
N PRO C 198 0.33 -3.60 -14.66
CA PRO C 198 1.25 -4.37 -15.50
C PRO C 198 2.08 -5.40 -14.75
N TYR C 199 2.00 -5.40 -13.41
CA TYR C 199 2.80 -6.26 -12.57
C TYR C 199 2.04 -7.55 -12.28
N TYR C 200 2.35 -8.59 -13.05
CA TYR C 200 1.61 -9.82 -13.00
C TYR C 200 1.79 -10.53 -11.68
N GLY C 201 0.70 -11.12 -11.19
CA GLY C 201 0.69 -11.75 -9.88
C GLY C 201 0.32 -10.84 -8.71
N THR C 202 0.02 -9.56 -8.97
CA THR C 202 -0.26 -8.62 -7.90
C THR C 202 -1.58 -7.90 -8.14
N TRP C 203 -1.99 -7.15 -7.11
CA TRP C 203 -3.12 -6.24 -7.14
C TRP C 203 -2.60 -4.81 -6.99
N GLN C 204 -2.97 -3.93 -7.91
CA GLN C 204 -2.46 -2.56 -7.88
C GLN C 204 -3.38 -1.67 -8.70
N VAL C 205 -4.14 -0.82 -8.02
CA VAL C 205 -5.09 0.05 -8.72
C VAL C 205 -4.35 1.09 -9.57
N PRO C 206 -4.55 1.12 -10.88
CA PRO C 206 -4.02 2.25 -11.65
C PRO C 206 -4.50 3.57 -11.09
N GLY C 207 -3.56 4.45 -10.73
CA GLY C 207 -3.89 5.77 -10.24
C GLY C 207 -4.21 6.73 -11.37
N ILE C 208 -5.27 6.42 -12.10
CA ILE C 208 -5.63 7.13 -13.33
C ILE C 208 -7.11 7.47 -13.25
N ALA C 209 -7.45 8.64 -13.78
CA ALA C 209 -8.80 9.17 -13.68
C ALA C 209 -9.72 8.53 -14.72
N LEU C 210 -9.84 7.22 -14.63
CA LEU C 210 -10.86 6.45 -15.32
C LEU C 210 -11.77 5.80 -14.29
N PRO C 211 -13.02 5.51 -14.65
CA PRO C 211 -13.93 4.86 -13.70
C PRO C 211 -13.47 3.44 -13.37
N LYS C 212 -13.98 2.92 -12.25
CA LYS C 212 -13.56 1.60 -11.80
C LYS C 212 -13.90 0.55 -12.85
N ALA C 213 -15.05 0.71 -13.52
CA ALA C 213 -15.49 -0.24 -14.51
C ALA C 213 -14.54 -0.36 -15.68
N GLN C 214 -13.51 0.49 -15.75
CA GLN C 214 -12.61 0.53 -16.89
C GLN C 214 -11.17 0.29 -16.48
N LEU C 215 -10.95 -0.20 -15.27
CA LEU C 215 -9.61 -0.51 -14.78
C LEU C 215 -9.53 -1.96 -14.32
N SER C 216 -8.33 -2.53 -14.41
CA SER C 216 -8.03 -3.83 -13.83
C SER C 216 -6.89 -3.71 -12.82
N PRO C 217 -7.20 -3.60 -11.53
CA PRO C 217 -6.13 -3.72 -10.52
C PRO C 217 -5.43 -5.05 -10.56
N ALA C 218 -6.05 -6.11 -11.06
CA ALA C 218 -5.44 -7.41 -11.07
C ALA C 218 -4.70 -7.64 -12.38
N ALA C 219 -3.65 -8.44 -12.29
CA ALA C 219 -2.88 -8.91 -13.44
C ALA C 219 -2.36 -10.30 -13.10
N VAL C 220 -2.57 -11.24 -14.01
CA VAL C 220 -2.13 -12.61 -13.80
C VAL C 220 -1.54 -13.15 -15.08
N GLU C 221 -0.46 -13.91 -14.95
CA GLU C 221 0.11 -14.66 -16.07
C GLU C 221 -0.47 -16.07 -16.02
N ILE C 222 -1.28 -16.42 -17.01
CA ILE C 222 -1.87 -17.76 -17.05
C ILE C 222 -0.76 -18.79 -17.19
N GLY C 223 -0.77 -19.76 -16.28
CA GLY C 223 0.24 -20.79 -16.27
C GLY C 223 1.44 -20.49 -15.40
N ARG C 224 1.52 -19.31 -14.81
CA ARG C 224 2.61 -19.00 -13.89
C ARG C 224 2.11 -18.57 -12.52
N THR C 225 1.23 -17.56 -12.48
CA THR C 225 0.59 -17.21 -11.23
C THR C 225 -0.20 -18.40 -10.70
N SER C 226 -0.04 -18.68 -9.41
CA SER C 226 -0.74 -19.80 -8.81
C SER C 226 -2.25 -19.62 -8.97
N ARG C 227 -2.96 -20.73 -9.18
CA ARG C 227 -4.41 -20.66 -9.34
C ARG C 227 -5.07 -20.09 -8.09
N SER C 228 -4.46 -20.28 -6.93
CA SER C 228 -4.98 -19.65 -5.73
C SER C 228 -4.97 -18.14 -5.86
N THR C 229 -3.84 -17.58 -6.33
CA THR C 229 -3.76 -16.13 -6.49
C THR C 229 -4.67 -15.66 -7.63
N VAL C 230 -4.75 -16.43 -8.71
CA VAL C 230 -5.66 -16.08 -9.78
C VAL C 230 -7.07 -15.92 -9.23
N ALA C 231 -7.50 -16.86 -8.39
CA ALA C 231 -8.83 -16.79 -7.82
C ALA C 231 -8.94 -15.63 -6.83
N ASP C 232 -7.93 -15.43 -5.97
CA ASP C 232 -8.00 -14.32 -5.01
C ASP C 232 -8.13 -12.97 -5.69
N LEU C 233 -7.40 -12.77 -6.80
CA LEU C 233 -7.43 -11.47 -7.49
C LEU C 233 -8.73 -11.28 -8.25
N ALA C 234 -9.28 -12.36 -8.81
CA ALA C 234 -10.58 -12.26 -9.49
C ALA C 234 -11.70 -11.93 -8.51
N ARG C 235 -11.81 -12.68 -7.43
CA ARG C 235 -12.75 -12.37 -6.35
C ARG C 235 -12.65 -10.92 -5.90
N ARG C 236 -11.43 -10.43 -5.68
CA ARG C 236 -11.26 -9.05 -5.25
C ARG C 236 -11.74 -8.07 -6.30
N THR C 237 -11.47 -8.35 -7.58
CA THR C 237 -12.02 -7.52 -8.65
C THR C 237 -13.54 -7.32 -8.49
N VAL C 238 -14.27 -8.40 -8.21
CA VAL C 238 -15.71 -8.30 -8.06
C VAL C 238 -16.07 -7.66 -6.73
N ASP C 239 -15.36 -8.03 -5.66
CA ASP C 239 -15.70 -7.53 -4.33
C ASP C 239 -15.61 -6.02 -4.28
N GLU C 240 -14.62 -5.45 -4.99
CA GLU C 240 -14.37 -4.02 -4.92
C GLU C 240 -14.97 -3.24 -6.09
N GLY C 241 -15.56 -3.91 -7.09
CA GLY C 241 -16.33 -3.24 -8.10
C GLY C 241 -15.57 -2.78 -9.33
N TYR C 242 -14.49 -3.48 -9.69
CA TYR C 242 -13.75 -3.19 -10.90
C TYR C 242 -14.29 -4.00 -12.06
N GLY C 243 -14.15 -3.46 -13.26
CA GLY C 243 -14.78 -4.00 -14.44
C GLY C 243 -13.87 -4.68 -15.43
N VAL C 244 -12.61 -4.89 -15.12
CA VAL C 244 -11.65 -5.50 -16.02
C VAL C 244 -10.72 -6.43 -15.24
N TYR C 245 -10.34 -7.52 -15.90
CA TYR C 245 -9.44 -8.53 -15.35
C TYR C 245 -8.41 -8.86 -16.40
N LEU C 246 -7.14 -8.64 -16.09
CA LEU C 246 -6.06 -8.80 -17.05
C LEU C 246 -5.35 -10.13 -16.90
N THR C 247 -5.25 -10.87 -18.00
CA THR C 247 -4.49 -12.11 -18.05
C THR C 247 -3.46 -12.01 -19.18
N TYR C 248 -2.40 -12.79 -19.07
CA TYR C 248 -1.31 -12.72 -20.04
C TYR C 248 -0.72 -14.10 -20.27
N ASN C 249 -0.43 -14.39 -21.54
CA ASN C 249 0.41 -15.48 -21.98
C ASN C 249 -0.32 -16.82 -22.12
N LEU C 250 -1.64 -16.80 -22.27
CA LEU C 250 -2.38 -18.01 -22.61
C LEU C 250 -1.70 -18.70 -23.78
N ASP C 251 -1.42 -19.99 -23.60
CA ASP C 251 -0.77 -20.78 -24.63
C ASP C 251 -1.73 -21.83 -25.22
N GLY C 252 -1.15 -22.80 -25.94
CA GLY C 252 -1.91 -23.85 -26.57
C GLY C 252 -2.14 -25.08 -25.73
N GLY C 253 -1.70 -25.07 -24.47
CA GLY C 253 -1.90 -26.18 -23.57
C GLY C 253 -3.32 -26.28 -23.07
N ASP C 254 -3.52 -27.18 -22.12
CA ASP C 254 -4.83 -27.36 -21.50
C ASP C 254 -4.86 -26.49 -20.24
N ARG C 255 -5.37 -25.27 -20.39
CA ARG C 255 -5.41 -24.31 -19.30
C ARG C 255 -6.79 -24.18 -18.68
N THR C 256 -7.63 -25.20 -18.84
CA THR C 256 -8.99 -25.15 -18.32
C THR C 256 -9.03 -24.79 -16.85
N ALA C 257 -8.11 -25.35 -16.06
CA ALA C 257 -8.14 -25.11 -14.62
C ALA C 257 -7.74 -23.68 -14.30
N ASP C 258 -6.78 -23.11 -15.03
CA ASP C 258 -6.37 -21.74 -14.76
C ASP C 258 -7.46 -20.75 -15.16
N VAL C 259 -8.11 -20.99 -16.29
CA VAL C 259 -9.20 -20.12 -16.70
C VAL C 259 -10.35 -20.23 -15.73
N SER C 260 -10.77 -21.45 -15.41
CA SER C 260 -11.87 -21.64 -14.47
C SER C 260 -11.57 -20.99 -13.14
N ALA C 261 -10.29 -20.86 -12.78
CA ALA C 261 -9.94 -20.26 -11.51
C ALA C 261 -10.43 -18.83 -11.41
N PHE C 262 -10.51 -18.10 -12.52
CA PHE C 262 -11.10 -16.76 -12.47
C PHE C 262 -12.52 -16.70 -13.04
N THR C 263 -12.86 -17.53 -14.03
CA THR C 263 -14.23 -17.50 -14.52
C THR C 263 -15.21 -17.85 -13.42
N ARG C 264 -14.82 -18.73 -12.50
CA ARG C 264 -15.70 -19.06 -11.38
C ARG C 264 -16.02 -17.81 -10.57
N GLU C 265 -15.05 -16.94 -10.38
CA GLU C 265 -15.21 -15.79 -9.52
C GLU C 265 -15.77 -14.58 -10.25
N LEU C 266 -15.39 -14.39 -11.51
CA LEU C 266 -15.88 -13.23 -12.25
C LEU C 266 -17.31 -13.45 -12.74
N TYR C 267 -17.64 -14.66 -13.15
CA TYR C 267 -18.92 -14.94 -13.79
C TYR C 267 -19.74 -16.04 -13.13
N GLY C 268 -19.20 -16.71 -12.12
CA GLY C 268 -19.93 -17.75 -11.44
C GLY C 268 -20.05 -19.06 -12.18
N SER C 269 -19.15 -19.33 -13.12
CA SER C 269 -19.22 -20.55 -13.90
C SER C 269 -17.82 -21.06 -14.17
N GLU C 270 -17.69 -22.37 -14.28
CA GLU C 270 -16.43 -22.96 -14.67
C GLU C 270 -16.26 -22.85 -16.18
N ALA C 271 -15.02 -23.05 -16.62
CA ALA C 271 -14.64 -22.93 -18.02
C ALA C 271 -14.56 -24.30 -18.66
N VAL C 272 -14.78 -24.34 -19.97
CA VAL C 272 -14.71 -25.56 -20.75
C VAL C 272 -13.90 -25.29 -22.01
N ARG C 273 -13.03 -26.22 -22.35
CA ARG C 273 -12.14 -26.09 -23.51
C ARG C 273 -12.69 -26.87 -24.69
N THR C 274 -12.67 -26.24 -25.86
CA THR C 274 -13.15 -26.85 -27.08
C THR C 274 -12.00 -27.29 -27.97
N MET D 8 -22.57 30.83 -12.38
CA MET D 8 -21.47 30.83 -11.43
C MET D 8 -21.55 29.60 -10.52
N VAL D 9 -21.48 28.42 -11.12
CA VAL D 9 -21.58 27.16 -10.39
C VAL D 9 -20.18 26.62 -10.14
N LYS D 10 -20.08 25.72 -9.17
CA LYS D 10 -18.81 25.11 -8.81
C LYS D 10 -18.70 23.73 -9.44
N GLN D 11 -17.55 23.43 -10.02
CA GLN D 11 -17.29 22.12 -10.60
C GLN D 11 -16.19 21.46 -9.77
N GLY D 12 -16.43 20.26 -9.27
CA GLY D 12 -15.45 19.55 -8.49
C GLY D 12 -16.05 18.54 -7.54
N PRO D 13 -15.19 17.78 -6.90
CA PRO D 13 -15.64 16.75 -5.96
C PRO D 13 -16.49 17.33 -4.83
N THR D 14 -17.37 16.48 -4.30
CA THR D 14 -18.26 16.84 -3.22
C THR D 14 -17.49 16.85 -1.90
N SER D 15 -17.40 18.00 -1.24
CA SER D 15 -16.68 18.10 0.02
C SER D 15 -17.63 17.93 1.20
N VAL D 16 -17.10 17.35 2.27
CA VAL D 16 -17.89 16.92 3.41
C VAL D 16 -17.23 17.42 4.67
N ALA D 17 -18.05 17.83 5.65
CA ALA D 17 -17.55 18.42 6.90
C ALA D 17 -18.24 17.81 8.12
N TYR D 18 -17.51 16.94 8.81
CA TYR D 18 -17.93 16.47 10.13
C TYR D 18 -17.78 17.61 11.13
N VAL D 19 -18.84 17.92 11.87
CA VAL D 19 -18.82 18.96 12.91
C VAL D 19 -19.14 18.32 14.25
N GLU D 20 -18.20 18.41 15.18
CA GLU D 20 -18.40 17.96 16.56
C GLU D 20 -19.28 18.97 17.31
N VAL D 21 -20.59 18.72 17.34
CA VAL D 21 -21.50 19.69 17.92
C VAL D 21 -21.38 19.83 19.43
N ASN D 22 -20.64 18.94 20.09
CA ASN D 22 -20.36 19.13 21.51
C ASN D 22 -19.55 20.40 21.76
N ASN D 23 -18.90 20.94 20.73
CA ASN D 23 -18.02 22.09 20.88
C ASN D 23 -18.21 23.19 19.86
N ASN D 24 -18.84 22.92 18.72
CA ASN D 24 -18.89 23.88 17.64
C ASN D 24 -20.27 23.88 17.00
N SER D 25 -20.55 24.96 16.28
CA SER D 25 -21.84 25.15 15.64
C SER D 25 -21.81 24.63 14.21
N MET D 26 -22.93 24.02 13.79
CA MET D 26 -23.08 23.65 12.39
C MET D 26 -22.92 24.85 11.47
N LEU D 27 -23.29 26.05 11.93
CA LEU D 27 -23.42 27.19 11.04
C LEU D 27 -22.08 27.62 10.45
N ASN D 28 -20.96 27.26 11.09
CA ASN D 28 -19.67 27.62 10.53
C ASN D 28 -19.47 27.01 9.15
N VAL D 29 -20.12 25.88 8.86
CA VAL D 29 -19.91 25.21 7.59
C VAL D 29 -20.35 26.09 6.44
N GLY D 30 -21.45 26.83 6.63
CA GLY D 30 -21.94 27.74 5.61
C GLY D 30 -21.21 29.05 5.50
N LYS D 31 -20.23 29.29 6.36
CA LYS D 31 -19.54 30.57 6.38
C LYS D 31 -18.40 30.65 5.37
N TYR D 32 -18.14 29.58 4.63
CA TYR D 32 -17.02 29.55 3.69
C TYR D 32 -17.54 29.37 2.27
N THR D 33 -17.29 30.36 1.43
CA THR D 33 -17.68 30.34 0.02
C THR D 33 -16.43 30.53 -0.85
N LEU D 34 -16.62 30.30 -2.14
CA LEU D 34 -15.51 30.36 -3.09
C LEU D 34 -15.33 31.79 -3.58
N ALA D 35 -14.07 32.20 -3.74
CA ALA D 35 -13.82 33.56 -4.21
C ALA D 35 -14.25 33.74 -5.66
N ASP D 36 -14.26 32.66 -6.44
CA ASP D 36 -14.67 32.70 -7.85
C ASP D 36 -16.00 31.95 -7.98
N GLY D 37 -17.10 32.70 -7.99
CA GLY D 37 -18.41 32.14 -8.21
C GLY D 37 -19.30 32.12 -6.99
N GLY D 38 -18.71 32.20 -5.81
CA GLY D 38 -19.50 32.31 -4.60
C GLY D 38 -20.22 31.05 -4.19
N GLY D 39 -19.92 29.91 -4.80
CA GLY D 39 -20.47 28.66 -4.33
C GLY D 39 -19.90 28.29 -2.97
N ASN D 40 -20.56 27.34 -2.32
CA ASN D 40 -20.11 26.86 -1.02
C ASN D 40 -18.80 26.09 -1.15
N ALA D 41 -17.91 26.28 -0.18
CA ALA D 41 -16.73 25.42 -0.09
C ALA D 41 -17.13 24.00 0.33
N PHE D 42 -18.15 23.89 1.17
CA PHE D 42 -18.58 22.62 1.71
C PHE D 42 -19.93 22.26 1.12
N ASP D 43 -20.07 21.00 0.67
CA ASP D 43 -21.34 20.55 0.11
C ASP D 43 -22.19 19.76 1.09
N VAL D 44 -21.58 19.15 2.12
CA VAL D 44 -22.28 18.27 3.04
C VAL D 44 -21.72 18.49 4.44
N ALA D 45 -22.59 18.83 5.39
CA ALA D 45 -22.25 18.91 6.79
C ALA D 45 -22.85 17.71 7.51
N VAL D 46 -22.11 17.16 8.46
CA VAL D 46 -22.55 15.98 9.20
C VAL D 46 -22.57 16.31 10.68
N ILE D 47 -23.76 16.26 11.28
CA ILE D 47 -23.85 16.44 12.72
C ILE D 47 -23.20 15.23 13.38
N PHE D 48 -22.14 15.46 14.14
CA PHE D 48 -21.45 14.42 14.89
C PHE D 48 -21.68 14.68 16.38
N ALA D 49 -22.45 13.83 17.05
CA ALA D 49 -23.01 12.59 16.52
C ALA D 49 -24.13 12.09 17.45
N ALA D 50 -25.15 11.48 16.86
CA ALA D 50 -26.14 10.75 17.62
C ALA D 50 -25.56 9.40 18.04
N ASN D 51 -26.28 8.68 18.91
CA ASN D 51 -25.79 7.43 19.45
C ASN D 51 -26.80 6.31 19.29
N ILE D 52 -26.30 5.09 19.25
CA ILE D 52 -27.09 3.88 19.41
C ILE D 52 -26.88 3.38 20.82
N ASN D 53 -27.96 3.42 21.63
CA ASN D 53 -28.00 2.89 22.98
C ASN D 53 -28.75 1.56 23.00
N TYR D 54 -28.59 0.82 24.11
CA TYR D 54 -29.16 -0.52 24.20
C TYR D 54 -30.45 -0.64 25.01
N ASP D 55 -30.53 0.00 26.17
CA ASP D 55 -31.69 -0.14 27.06
C ASP D 55 -31.87 -1.60 27.53
N THR D 56 -31.45 -1.86 28.77
CA THR D 56 -31.38 -3.23 29.26
C THR D 56 -32.76 -3.80 29.57
N GLY D 57 -33.73 -2.96 29.89
CA GLY D 57 -35.07 -3.44 30.19
C GLY D 57 -35.73 -4.05 28.97
N THR D 58 -36.06 -3.21 27.99
CA THR D 58 -36.66 -3.70 26.77
C THR D 58 -35.76 -4.67 26.03
N LYS D 59 -34.46 -4.65 26.30
CA LYS D 59 -33.47 -5.40 25.52
C LYS D 59 -33.49 -4.97 24.05
N THR D 60 -33.69 -3.67 23.82
CA THR D 60 -33.92 -3.12 22.49
C THR D 60 -33.05 -1.90 22.28
N ALA D 61 -32.32 -1.86 21.17
CA ALA D 61 -31.55 -0.67 20.82
C ALA D 61 -32.48 0.49 20.50
N TYR D 62 -31.98 1.71 20.78
CA TYR D 62 -32.75 2.91 20.52
C TYR D 62 -31.79 4.05 20.18
N LEU D 63 -32.30 4.98 19.37
CA LEU D 63 -31.55 6.15 18.96
C LEU D 63 -31.50 7.14 20.11
N HIS D 64 -30.30 7.55 20.49
CA HIS D 64 -30.11 8.46 21.60
C HIS D 64 -29.38 9.72 21.15
N PHE D 65 -29.86 10.86 21.61
CA PHE D 65 -29.25 12.16 21.33
C PHE D 65 -28.67 12.74 22.62
N ASN D 66 -27.43 13.19 22.57
CA ASN D 66 -26.88 13.83 23.76
C ASN D 66 -27.37 15.28 23.82
N GLU D 67 -27.01 15.96 24.90
CA GLU D 67 -27.59 17.27 25.19
C GLU D 67 -27.38 18.24 24.03
N ASN D 68 -26.19 18.23 23.44
CA ASN D 68 -25.92 19.17 22.36
C ASN D 68 -26.57 18.74 21.05
N VAL D 69 -26.54 17.44 20.74
CA VAL D 69 -27.17 16.96 19.53
C VAL D 69 -28.67 17.25 19.60
N GLN D 70 -29.29 16.95 20.73
CA GLN D 70 -30.70 17.26 20.91
C GLN D 70 -30.96 18.75 20.69
N ARG D 71 -30.07 19.60 21.20
CA ARG D 71 -30.24 21.04 21.03
C ARG D 71 -30.17 21.44 19.56
N VAL D 72 -29.20 20.88 18.82
CA VAL D 72 -29.08 21.22 17.41
C VAL D 72 -30.32 20.76 16.64
N LEU D 73 -30.80 19.56 16.93
CA LEU D 73 -31.96 19.04 16.23
C LEU D 73 -33.22 19.79 16.64
N ASP D 74 -33.38 20.04 17.94
CA ASP D 74 -34.54 20.80 18.39
C ASP D 74 -34.56 22.20 17.79
N ASN D 75 -33.39 22.81 17.62
CA ASN D 75 -33.27 24.14 17.01
C ASN D 75 -32.88 24.07 15.54
N ALA D 76 -33.37 23.06 14.82
CA ALA D 76 -33.00 22.90 13.42
C ALA D 76 -33.32 24.14 12.60
N VAL D 77 -34.33 24.92 13.02
CA VAL D 77 -34.76 26.06 12.23
C VAL D 77 -33.63 27.09 12.12
N THR D 78 -32.78 27.18 13.14
CA THR D 78 -31.68 28.12 13.12
C THR D 78 -30.30 27.47 12.96
N GLN D 79 -30.18 26.18 13.22
CA GLN D 79 -28.90 25.50 13.12
C GLN D 79 -28.75 24.64 11.87
N ILE D 80 -29.86 24.26 11.24
CA ILE D 80 -29.79 23.33 10.12
C ILE D 80 -30.37 23.97 8.85
N ARG D 81 -31.61 24.45 8.94
CA ARG D 81 -32.28 24.99 7.76
C ARG D 81 -31.46 26.04 7.05
N PRO D 82 -30.76 26.96 7.75
CA PRO D 82 -29.94 27.93 7.01
C PRO D 82 -28.92 27.28 6.09
N LEU D 83 -28.32 26.17 6.52
CA LEU D 83 -27.38 25.45 5.65
C LEU D 83 -28.11 24.82 4.47
N GLN D 84 -29.21 24.11 4.73
CA GLN D 84 -29.96 23.50 3.65
C GLN D 84 -30.43 24.55 2.65
N GLN D 85 -30.93 25.68 3.14
CA GLN D 85 -31.36 26.75 2.24
C GLN D 85 -30.19 27.32 1.43
N GLN D 86 -28.98 27.26 1.99
CA GLN D 86 -27.77 27.61 1.24
C GLN D 86 -27.31 26.51 0.29
N GLY D 87 -28.06 25.41 0.20
CA GLY D 87 -27.68 24.33 -0.70
C GLY D 87 -26.84 23.24 -0.08
N ILE D 88 -26.59 23.28 1.23
CA ILE D 88 -25.73 22.32 1.90
C ILE D 88 -26.59 21.26 2.55
N LYS D 89 -26.37 19.99 2.18
CA LYS D 89 -27.06 18.88 2.80
C LYS D 89 -26.49 18.61 4.19
N VAL D 90 -27.37 18.15 5.09
CA VAL D 90 -27.02 17.95 6.50
C VAL D 90 -27.35 16.52 6.85
N LEU D 91 -26.36 15.80 7.35
CA LEU D 91 -26.52 14.41 7.75
C LEU D 91 -26.35 14.28 9.26
N LEU D 92 -26.91 13.20 9.80
CA LEU D 92 -26.76 12.85 11.20
C LEU D 92 -25.89 11.61 11.31
N SER D 93 -24.72 11.76 11.90
CA SER D 93 -23.88 10.60 12.19
C SER D 93 -24.44 9.84 13.37
N VAL D 94 -24.20 8.52 13.39
CA VAL D 94 -24.62 7.69 14.50
C VAL D 94 -23.41 6.88 14.94
N LEU D 95 -23.17 6.84 16.24
CA LEU D 95 -21.96 6.26 16.83
C LEU D 95 -22.34 5.34 17.97
N GLY D 96 -21.51 4.31 18.19
CA GLY D 96 -21.66 3.49 19.38
C GLY D 96 -21.56 4.35 20.63
N ASN D 97 -21.93 3.73 21.76
CA ASN D 97 -21.92 4.46 23.02
C ASN D 97 -21.76 3.54 24.24
N HIS D 98 -20.93 2.51 24.08
CA HIS D 98 -20.42 1.71 25.18
C HIS D 98 -21.49 0.87 25.87
N GLN D 99 -22.62 0.59 25.24
CA GLN D 99 -23.71 -0.13 25.89
C GLN D 99 -24.02 -1.49 25.29
N GLY D 100 -23.18 -2.00 24.38
CA GLY D 100 -23.28 -3.35 23.88
C GLY D 100 -23.98 -3.46 22.54
N ALA D 101 -24.95 -2.60 22.27
CA ALA D 101 -25.62 -2.63 20.98
C ALA D 101 -24.82 -1.83 19.97
N GLY D 102 -24.68 -2.39 18.77
CA GLY D 102 -24.02 -1.72 17.67
C GLY D 102 -24.63 -2.18 16.37
N PHE D 103 -24.21 -1.55 15.28
CA PHE D 103 -24.80 -1.84 13.97
C PHE D 103 -24.56 -3.26 13.48
N ALA D 104 -23.67 -4.01 14.10
CA ALA D 104 -23.30 -5.33 13.60
C ALA D 104 -23.81 -6.49 14.45
N ASN D 105 -24.58 -6.22 15.51
CA ASN D 105 -24.98 -7.29 16.43
C ASN D 105 -26.46 -7.27 16.76
N PHE D 106 -27.31 -6.71 15.89
CA PHE D 106 -28.74 -6.93 16.00
C PHE D 106 -29.02 -8.43 15.90
N PRO D 107 -29.88 -8.97 16.75
CA PRO D 107 -30.10 -10.42 16.76
C PRO D 107 -30.96 -10.90 15.60
N SER D 108 -31.67 -10.02 14.90
CA SER D 108 -32.63 -10.47 13.92
C SER D 108 -32.90 -9.39 12.90
N GLN D 109 -33.48 -9.80 11.76
CA GLN D 109 -33.94 -8.83 10.78
C GLN D 109 -34.93 -7.86 11.40
N GLN D 110 -35.88 -8.38 12.18
CA GLN D 110 -36.93 -7.53 12.72
C GLN D 110 -36.37 -6.44 13.63
N ALA D 111 -35.44 -6.81 14.50
CA ALA D 111 -34.85 -5.83 15.42
C ALA D 111 -34.04 -4.80 14.66
N ALA D 112 -33.31 -5.24 13.63
CA ALA D 112 -32.58 -4.29 12.79
C ALA D 112 -33.56 -3.36 12.09
N SER D 113 -34.67 -3.91 11.61
CA SER D 113 -35.67 -3.05 10.98
C SER D 113 -36.26 -2.05 11.97
N ALA D 114 -36.36 -2.43 13.24
CA ALA D 114 -36.90 -1.53 14.24
C ALA D 114 -35.96 -0.33 14.46
N PHE D 115 -34.64 -0.57 14.53
CA PHE D 115 -33.74 0.56 14.68
C PHE D 115 -33.75 1.44 13.44
N ALA D 116 -33.94 0.86 12.25
CA ALA D 116 -33.94 1.62 11.02
C ALA D 116 -35.13 2.58 10.98
N LYS D 117 -36.29 2.14 11.49
CA LYS D 117 -37.44 3.02 11.52
C LYS D 117 -37.18 4.22 12.44
N GLN D 118 -36.42 4.02 13.52
CA GLN D 118 -36.10 5.14 14.39
C GLN D 118 -35.23 6.17 13.66
N LEU D 119 -34.31 5.70 12.81
CA LEU D 119 -33.47 6.62 12.06
C LEU D 119 -34.27 7.38 11.01
N SER D 120 -35.06 6.66 10.21
CA SER D 120 -35.85 7.35 9.19
C SER D 120 -36.81 8.33 9.83
N ASP D 121 -37.46 7.94 10.94
CA ASP D 121 -38.37 8.83 11.63
C ASP D 121 -37.69 10.13 12.01
N ALA D 122 -36.47 10.02 12.56
CA ALA D 122 -35.73 11.19 13.00
C ALA D 122 -35.29 12.04 11.80
N VAL D 123 -34.88 11.38 10.72
CA VAL D 123 -34.58 12.12 9.49
C VAL D 123 -35.77 12.99 9.10
N ALA D 124 -36.98 12.40 9.10
CA ALA D 124 -38.16 13.16 8.66
C ALA D 124 -38.55 14.23 9.68
N LYS D 125 -38.53 13.88 10.97
CA LYS D 125 -38.96 14.81 12.00
C LYS D 125 -38.16 16.11 11.96
N TYR D 126 -36.82 16.00 11.90
CA TYR D 126 -35.96 17.16 11.94
C TYR D 126 -35.61 17.67 10.55
N GLY D 127 -36.13 17.06 9.50
CA GLY D 127 -35.85 17.51 8.14
C GLY D 127 -34.40 17.34 7.75
N LEU D 128 -33.78 16.21 8.12
CA LEU D 128 -32.40 15.95 7.73
C LEU D 128 -32.36 15.39 6.31
N ASP D 129 -31.14 15.31 5.77
CA ASP D 129 -30.93 14.83 4.41
C ASP D 129 -30.41 13.39 4.39
N GLY D 130 -30.20 12.77 5.54
CA GLY D 130 -29.74 11.41 5.59
C GLY D 130 -28.93 11.13 6.85
N VAL D 131 -28.30 9.97 6.84
CA VAL D 131 -27.65 9.38 8.00
C VAL D 131 -26.27 8.87 7.62
N ASP D 132 -25.35 8.94 8.58
CA ASP D 132 -23.98 8.48 8.43
C ASP D 132 -23.66 7.47 9.53
N PHE D 133 -22.98 6.39 9.16
CA PHE D 133 -22.70 5.31 10.11
C PHE D 133 -21.24 5.31 10.51
N ASP D 134 -20.99 5.30 11.82
CA ASP D 134 -19.64 5.23 12.37
C ASP D 134 -19.65 4.14 13.45
N ASP D 135 -19.17 2.94 13.07
CA ASP D 135 -19.28 1.77 13.94
C ASP D 135 -18.06 1.70 14.86
N GLU D 136 -18.04 2.58 15.84
CA GLU D 136 -17.03 2.58 16.90
C GLU D 136 -17.70 2.79 18.24
N TYR D 137 -17.03 2.29 19.29
CA TYR D 137 -17.39 2.47 20.68
C TYR D 137 -18.59 1.66 21.16
N ALA D 138 -19.15 0.77 20.34
CA ALA D 138 -20.34 0.03 20.76
C ALA D 138 -20.05 -0.87 21.96
N GLU D 139 -18.81 -1.33 22.11
CA GLU D 139 -18.45 -2.28 23.15
C GLU D 139 -19.35 -3.51 23.09
N TYR D 140 -19.31 -4.20 21.95
CA TYR D 140 -20.06 -5.43 21.76
C TYR D 140 -19.80 -6.39 22.91
N GLY D 141 -20.87 -6.90 23.47
CA GLY D 141 -20.80 -7.81 24.61
C GLY D 141 -21.26 -7.20 25.91
N ASN D 142 -21.28 -5.87 26.02
CA ASN D 142 -21.75 -5.21 27.22
C ASN D 142 -23.24 -5.48 27.41
N ASN D 143 -23.67 -5.51 28.67
CA ASN D 143 -25.07 -5.69 29.00
C ASN D 143 -25.63 -6.98 28.39
N GLY D 144 -24.78 -8.00 28.23
CA GLY D 144 -25.24 -9.27 27.72
C GLY D 144 -25.62 -9.25 26.26
N THR D 145 -24.86 -8.53 25.43
CA THR D 145 -25.13 -8.42 24.01
C THR D 145 -24.25 -9.40 23.23
N ALA D 146 -24.63 -9.63 21.98
CA ALA D 146 -23.90 -10.57 21.15
C ALA D 146 -22.71 -9.88 20.49
N GLN D 147 -21.77 -10.71 20.03
CA GLN D 147 -20.67 -10.25 19.22
C GLN D 147 -21.15 -10.00 17.79
N PRO D 148 -20.38 -9.25 17.00
CA PRO D 148 -20.84 -8.94 15.62
C PRO D 148 -21.12 -10.22 14.85
N ASN D 149 -22.24 -10.21 14.14
CA ASN D 149 -22.64 -11.29 13.25
C ASN D 149 -22.61 -10.80 11.81
N ASP D 150 -22.85 -11.74 10.88
CA ASP D 150 -22.68 -11.43 9.47
C ASP D 150 -23.91 -10.75 8.85
N SER D 151 -25.04 -10.72 9.54
CA SER D 151 -26.29 -10.30 8.94
C SER D 151 -26.81 -8.95 9.44
N SER D 152 -26.51 -8.56 10.68
CA SER D 152 -27.16 -7.40 11.30
C SER D 152 -27.10 -6.18 10.39
N PHE D 153 -25.91 -5.81 9.91
CA PHE D 153 -25.77 -4.54 9.19
C PHE D 153 -26.45 -4.57 7.83
N VAL D 154 -26.45 -5.73 7.16
CA VAL D 154 -27.18 -5.84 5.91
C VAL D 154 -28.67 -5.61 6.14
N HIS D 155 -29.21 -6.21 7.21
CA HIS D 155 -30.62 -6.02 7.51
C HIS D 155 -30.92 -4.55 7.76
N LEU D 156 -30.07 -3.90 8.55
CA LEU D 156 -30.34 -2.53 8.94
C LEU D 156 -30.30 -1.59 7.74
N VAL D 157 -29.31 -1.77 6.86
CA VAL D 157 -29.17 -0.89 5.72
C VAL D 157 -30.28 -1.15 4.72
N THR D 158 -30.67 -2.41 4.53
CA THR D 158 -31.78 -2.70 3.62
C THR D 158 -33.05 -2.04 4.12
N ALA D 159 -33.37 -2.20 5.41
CA ALA D 159 -34.55 -1.57 5.98
C ALA D 159 -34.46 -0.05 5.90
N LEU D 160 -33.28 0.52 6.17
CA LEU D 160 -33.12 1.96 6.16
C LEU D 160 -33.33 2.52 4.77
N ARG D 161 -32.66 1.94 3.77
CA ARG D 161 -32.84 2.40 2.39
C ARG D 161 -34.28 2.21 1.95
N ALA D 162 -34.95 1.16 2.39
CA ALA D 162 -36.37 1.01 2.10
C ALA D 162 -37.19 2.16 2.72
N ASN D 163 -36.79 2.62 3.90
CA ASN D 163 -37.54 3.70 4.56
C ASN D 163 -37.28 5.04 3.89
N MET D 164 -36.06 5.28 3.41
CA MET D 164 -35.71 6.55 2.77
C MET D 164 -35.05 6.29 1.44
N PRO D 165 -35.81 5.94 0.41
CA PRO D 165 -35.21 5.77 -0.92
C PRO D 165 -34.57 7.04 -1.45
N ASP D 166 -34.98 8.20 -0.96
CA ASP D 166 -34.58 9.48 -1.52
C ASP D 166 -33.50 10.19 -0.70
N LYS D 167 -33.08 9.60 0.42
CA LYS D 167 -32.16 10.27 1.33
C LYS D 167 -30.75 9.71 1.20
N ILE D 168 -29.82 10.37 1.87
CA ILE D 168 -28.41 10.01 1.82
C ILE D 168 -28.07 9.06 2.95
N ILE D 169 -27.33 8.01 2.63
CA ILE D 169 -26.80 7.08 3.61
C ILE D 169 -25.31 6.95 3.33
N SER D 170 -24.49 7.33 4.30
CA SER D 170 -23.04 7.30 4.12
C SER D 170 -22.40 6.35 5.13
N LEU D 171 -21.18 5.94 4.78
CA LEU D 171 -20.44 4.96 5.57
C LEU D 171 -19.09 5.55 5.93
N TYR D 172 -18.87 5.78 7.22
CA TYR D 172 -17.53 5.97 7.77
C TYR D 172 -16.87 4.60 7.78
N ASN D 173 -15.82 4.43 6.97
CA ASN D 173 -15.34 3.09 6.60
C ASN D 173 -14.44 2.49 7.68
N ILE D 174 -15.06 2.08 8.79
CA ILE D 174 -14.32 1.49 9.90
C ILE D 174 -15.25 0.59 10.68
N GLY D 175 -14.68 -0.32 11.46
CA GLY D 175 -15.44 -1.09 12.40
C GLY D 175 -16.00 -2.38 11.85
N PRO D 176 -16.55 -3.22 12.74
CA PRO D 176 -17.12 -4.50 12.27
C PRO D 176 -18.12 -4.37 11.14
N ALA D 177 -18.98 -3.36 11.19
CA ALA D 177 -20.04 -3.27 10.20
C ALA D 177 -19.50 -3.07 8.79
N ALA D 178 -18.36 -2.42 8.66
CA ALA D 178 -17.88 -2.04 7.34
C ALA D 178 -17.26 -3.20 6.58
N SER D 179 -17.02 -4.33 7.24
CA SER D 179 -16.58 -5.56 6.59
C SER D 179 -17.72 -6.57 6.42
N ARG D 180 -18.94 -6.20 6.78
CA ARG D 180 -20.08 -7.11 6.73
C ARG D 180 -21.19 -6.50 5.87
N LEU D 181 -20.90 -6.27 4.60
CA LEU D 181 -21.83 -5.60 3.70
C LEU D 181 -22.60 -6.58 2.80
N SER D 182 -22.42 -7.88 2.95
CA SER D 182 -23.17 -8.84 2.14
C SER D 182 -23.58 -10.02 3.00
N TYR D 183 -24.81 -10.49 2.77
CA TYR D 183 -25.40 -11.59 3.52
C TYR D 183 -26.70 -12.01 2.82
N GLY D 184 -26.94 -13.32 2.79
CA GLY D 184 -28.18 -13.84 2.28
C GLY D 184 -28.45 -13.51 0.83
N GLY D 185 -27.39 -13.35 0.04
CA GLY D 185 -27.56 -12.98 -1.35
C GLY D 185 -27.71 -11.50 -1.60
N VAL D 186 -27.65 -10.67 -0.56
CA VAL D 186 -27.84 -9.23 -0.69
C VAL D 186 -26.53 -8.55 -0.34
N ASP D 187 -25.94 -7.84 -1.30
CA ASP D 187 -24.83 -6.93 -1.07
C ASP D 187 -25.39 -5.51 -1.02
N VAL D 188 -25.21 -4.83 0.10
CA VAL D 188 -25.78 -3.51 0.32
C VAL D 188 -24.85 -2.38 -0.06
N SER D 189 -23.73 -2.67 -0.72
CA SER D 189 -22.79 -1.64 -1.09
C SER D 189 -23.47 -0.55 -1.91
N ASP D 190 -24.32 -0.93 -2.86
CA ASP D 190 -24.93 0.09 -3.72
C ASP D 190 -26.09 0.81 -3.04
N LYS D 191 -26.48 0.38 -1.84
CA LYS D 191 -27.49 1.11 -1.08
C LYS D 191 -26.92 2.34 -0.39
N PHE D 192 -25.59 2.47 -0.35
CA PHE D 192 -24.95 3.68 0.18
C PHE D 192 -24.79 4.73 -0.91
N ASP D 193 -24.85 5.99 -0.50
CA ASP D 193 -24.50 7.07 -1.40
C ASP D 193 -23.01 7.39 -1.36
N TYR D 194 -22.39 7.29 -0.18
CA TYR D 194 -20.99 7.66 -0.03
C TYR D 194 -20.31 6.71 0.93
N ALA D 195 -18.97 6.72 0.87
CA ALA D 195 -18.15 5.93 1.79
C ALA D 195 -16.77 6.59 1.79
N TRP D 196 -16.24 6.87 2.96
CA TRP D 196 -14.97 7.60 3.02
C TRP D 196 -14.00 6.96 4.00
N ASN D 197 -12.73 7.31 3.78
CA ASN D 197 -11.63 6.87 4.62
C ASN D 197 -11.76 7.49 6.02
N PRO D 198 -11.72 6.68 7.08
CA PRO D 198 -11.84 7.23 8.43
C PRO D 198 -10.53 7.75 9.00
N TYR D 199 -9.42 7.51 8.33
CA TYR D 199 -8.10 7.75 8.88
C TYR D 199 -7.61 9.14 8.45
N TYR D 200 -7.88 10.11 9.31
CA TYR D 200 -7.58 11.49 8.99
C TYR D 200 -6.09 11.72 8.83
N GLY D 201 -5.74 12.48 7.78
CA GLY D 201 -4.38 12.73 7.42
C GLY D 201 -3.84 11.79 6.38
N THR D 202 -4.62 10.81 5.92
CA THR D 202 -4.12 9.79 5.04
C THR D 202 -4.95 9.68 3.76
N TRP D 203 -4.45 8.83 2.85
CA TRP D 203 -5.11 8.46 1.62
C TRP D 203 -5.30 6.95 1.68
N GLN D 204 -6.58 6.54 1.80
CA GLN D 204 -6.88 5.09 1.66
C GLN D 204 -8.23 4.91 0.95
N VAL D 205 -8.18 4.39 -0.23
CA VAL D 205 -9.34 4.08 -1.02
C VAL D 205 -10.20 3.03 -0.33
N PRO D 206 -11.43 3.32 0.04
CA PRO D 206 -12.30 2.27 0.57
C PRO D 206 -12.46 1.14 -0.44
N GLY D 207 -12.34 -0.09 0.04
CA GLY D 207 -12.46 -1.28 -0.80
C GLY D 207 -13.90 -1.71 -0.86
N ILE D 208 -14.73 -0.85 -1.44
CA ILE D 208 -16.18 -0.97 -1.43
C ILE D 208 -16.64 -0.89 -2.87
N ALA D 209 -17.63 -1.71 -3.21
CA ALA D 209 -18.13 -1.78 -4.59
C ALA D 209 -19.03 -0.57 -4.89
N LEU D 210 -18.46 0.62 -4.73
CA LEU D 210 -19.09 1.85 -5.13
C LEU D 210 -18.24 2.54 -6.19
N PRO D 211 -18.85 3.33 -7.07
CA PRO D 211 -18.05 4.07 -8.06
C PRO D 211 -17.16 5.11 -7.39
N LYS D 212 -16.12 5.52 -8.11
CA LYS D 212 -15.15 6.45 -7.55
C LYS D 212 -15.79 7.78 -7.21
N ALA D 213 -16.78 8.20 -7.99
CA ALA D 213 -17.45 9.48 -7.75
C ALA D 213 -18.08 9.54 -6.38
N GLN D 214 -18.27 8.38 -5.74
CA GLN D 214 -18.93 8.29 -4.44
C GLN D 214 -17.97 7.86 -3.34
N LEU D 215 -16.67 8.01 -3.57
CA LEU D 215 -15.65 7.61 -2.63
C LEU D 215 -14.70 8.77 -2.31
N SER D 216 -14.38 8.91 -1.03
CA SER D 216 -13.32 9.83 -0.63
C SER D 216 -12.17 9.03 -0.06
N PRO D 217 -11.13 8.72 -0.83
CA PRO D 217 -9.92 8.14 -0.23
C PRO D 217 -9.22 9.12 0.69
N ALA D 218 -9.47 10.41 0.57
CA ALA D 218 -8.80 11.40 1.39
C ALA D 218 -9.59 11.67 2.67
N ALA D 219 -8.87 11.97 3.75
CA ALA D 219 -9.51 12.33 5.02
C ALA D 219 -8.59 13.33 5.71
N VAL D 220 -9.13 14.48 6.08
CA VAL D 220 -8.33 15.51 6.72
C VAL D 220 -9.09 16.10 7.91
N GLU D 221 -8.36 16.39 8.98
CA GLU D 221 -8.90 17.13 10.11
C GLU D 221 -8.50 18.60 9.95
N ILE D 222 -9.49 19.46 9.72
CA ILE D 222 -9.19 20.88 9.61
C ILE D 222 -8.63 21.37 10.92
N GLY D 223 -7.48 22.02 10.85
CA GLY D 223 -6.83 22.55 12.03
C GLY D 223 -5.80 21.62 12.64
N ARG D 224 -5.65 20.43 12.11
CA ARG D 224 -4.60 19.54 12.60
C ARG D 224 -3.76 18.98 11.47
N THR D 225 -4.38 18.54 10.39
CA THR D 225 -3.63 18.08 9.23
C THR D 225 -2.92 19.26 8.60
N SER D 226 -1.62 19.09 8.32
CA SER D 226 -0.85 20.13 7.64
C SER D 226 -1.57 20.61 6.38
N ARG D 227 -1.45 21.89 6.11
CA ARG D 227 -2.09 22.45 4.92
C ARG D 227 -1.53 21.81 3.66
N SER D 228 -0.24 21.52 3.64
CA SER D 228 0.36 20.90 2.46
C SER D 228 -0.19 19.50 2.26
N THR D 229 -0.46 18.77 3.33
CA THR D 229 -1.11 17.47 3.20
C THR D 229 -2.55 17.62 2.76
N VAL D 230 -3.25 18.62 3.31
CA VAL D 230 -4.61 18.90 2.86
C VAL D 230 -4.63 19.12 1.35
N ALA D 231 -3.70 19.94 0.86
CA ALA D 231 -3.62 20.22 -0.58
C ALA D 231 -3.19 19.01 -1.39
N ASP D 232 -2.19 18.28 -0.92
CA ASP D 232 -1.74 17.08 -1.63
C ASP D 232 -2.87 16.09 -1.80
N LEU D 233 -3.62 15.82 -0.73
CA LEU D 233 -4.72 14.86 -0.81
C LEU D 233 -5.85 15.40 -1.68
N ALA D 234 -6.08 16.70 -1.67
CA ALA D 234 -7.11 17.31 -2.51
C ALA D 234 -6.72 17.21 -3.97
N ARG D 235 -5.43 17.41 -4.28
CA ARG D 235 -4.94 17.27 -5.64
C ARG D 235 -5.02 15.82 -6.10
N ARG D 236 -4.65 14.88 -5.23
CA ARG D 236 -4.75 13.48 -5.58
C ARG D 236 -6.20 13.06 -5.81
N THR D 237 -7.16 13.67 -5.10
CA THR D 237 -8.57 13.36 -5.32
C THR D 237 -8.96 13.68 -6.75
N VAL D 238 -8.60 14.88 -7.24
CA VAL D 238 -8.92 15.28 -8.60
C VAL D 238 -8.16 14.40 -9.60
N ASP D 239 -6.81 14.41 -9.52
CA ASP D 239 -6.07 13.33 -10.16
C ASP D 239 -6.69 12.04 -9.68
N GLU D 240 -6.55 10.98 -10.45
CA GLU D 240 -7.14 9.69 -10.01
C GLU D 240 -8.66 9.67 -10.07
N GLY D 241 -9.32 10.82 -9.97
CA GLY D 241 -10.72 10.91 -10.32
C GLY D 241 -11.76 10.50 -9.29
N TYR D 242 -11.53 10.77 -8.03
CA TYR D 242 -12.53 10.51 -7.00
C TYR D 242 -13.44 11.71 -6.79
N GLY D 243 -14.68 11.41 -6.38
CA GLY D 243 -15.76 12.40 -6.33
C GLY D 243 -16.10 13.02 -4.98
N VAL D 244 -15.41 12.64 -3.89
CA VAL D 244 -15.71 13.12 -2.54
C VAL D 244 -14.40 13.41 -1.79
N TYR D 245 -14.44 14.40 -0.91
CA TYR D 245 -13.28 14.83 -0.11
C TYR D 245 -13.76 15.08 1.31
N LEU D 246 -13.32 14.25 2.24
CA LEU D 246 -13.82 14.27 3.60
C LEU D 246 -13.00 15.19 4.51
N THR D 247 -13.68 16.10 5.20
CA THR D 247 -13.04 16.93 6.21
C THR D 247 -13.78 16.76 7.54
N TYR D 248 -13.08 17.02 8.62
CA TYR D 248 -13.61 16.78 9.95
C TYR D 248 -13.18 17.88 10.89
N ASN D 249 -14.13 18.35 11.70
CA ASN D 249 -13.87 19.15 12.88
C ASN D 249 -13.62 20.63 12.58
N LEU D 250 -14.28 21.16 11.55
CA LEU D 250 -14.30 22.60 11.36
C LEU D 250 -14.83 23.26 12.64
N ASP D 251 -14.10 24.25 13.13
CA ASP D 251 -14.50 24.95 14.35
C ASP D 251 -14.93 26.38 14.02
N GLY D 252 -14.93 27.25 15.03
CA GLY D 252 -15.38 28.61 14.88
C GLY D 252 -14.31 29.63 14.58
N GLY D 253 -13.04 29.25 14.64
CA GLY D 253 -11.97 30.13 14.27
C GLY D 253 -11.93 30.38 12.77
N ASP D 254 -10.95 31.18 12.36
CA ASP D 254 -10.79 31.55 10.96
C ASP D 254 -9.93 30.49 10.28
N ARG D 255 -10.58 29.59 9.53
CA ARG D 255 -9.89 28.52 8.84
C ARG D 255 -9.79 28.78 7.34
N THR D 256 -9.76 30.05 6.94
CA THR D 256 -9.69 30.39 5.52
C THR D 256 -8.52 29.70 4.84
N ALA D 257 -7.35 29.69 5.48
CA ALA D 257 -6.17 29.10 4.86
C ALA D 257 -6.27 27.57 4.81
N ASP D 258 -6.91 26.96 5.80
CA ASP D 258 -7.10 25.52 5.76
C ASP D 258 -8.12 25.13 4.69
N VAL D 259 -9.25 25.84 4.61
CA VAL D 259 -10.26 25.51 3.64
C VAL D 259 -9.75 25.75 2.23
N SER D 260 -9.22 26.93 1.98
CA SER D 260 -8.65 27.23 0.67
C SER D 260 -7.56 26.25 0.28
N ALA D 261 -6.91 25.61 1.26
CA ALA D 261 -5.91 24.60 0.92
C ALA D 261 -6.49 23.51 0.04
N PHE D 262 -7.73 23.06 0.30
CA PHE D 262 -8.36 22.07 -0.59
C PHE D 262 -9.24 22.69 -1.66
N THR D 263 -9.89 23.82 -1.41
CA THR D 263 -10.76 24.37 -2.46
C THR D 263 -9.95 24.78 -3.68
N ARG D 264 -8.70 25.21 -3.49
CA ARG D 264 -7.84 25.56 -4.62
C ARG D 264 -7.66 24.36 -5.55
N GLU D 265 -7.45 23.18 -4.98
CA GLU D 265 -7.23 21.97 -5.74
C GLU D 265 -8.52 21.31 -6.19
N LEU D 266 -9.57 21.35 -5.36
CA LEU D 266 -10.83 20.74 -5.76
C LEU D 266 -11.54 21.59 -6.81
N TYR D 267 -11.54 22.90 -6.65
CA TYR D 267 -12.40 23.77 -7.44
C TYR D 267 -11.67 24.90 -8.15
N GLY D 268 -10.36 25.03 -7.96
CA GLY D 268 -9.62 26.06 -8.64
C GLY D 268 -9.87 27.45 -8.13
N SER D 269 -10.21 27.58 -6.86
CA SER D 269 -10.53 28.90 -6.31
C SER D 269 -10.23 28.93 -4.83
N GLU D 270 -9.71 30.06 -4.36
CA GLU D 270 -9.52 30.26 -2.94
C GLU D 270 -10.87 30.39 -2.24
N ALA D 271 -10.86 30.14 -0.93
CA ALA D 271 -12.05 30.28 -0.11
C ALA D 271 -12.04 31.63 0.58
N VAL D 272 -13.21 32.05 1.04
CA VAL D 272 -13.37 33.32 1.72
C VAL D 272 -14.40 33.13 2.82
N ARG D 273 -14.17 33.76 3.96
CA ARG D 273 -15.03 33.61 5.14
C ARG D 273 -15.93 34.80 5.25
N THR D 274 -16.00 35.53 6.36
CA THR D 274 -17.02 36.52 6.59
C THR D 274 -16.59 37.47 7.72
MG MG E . 17.86 7.67 6.27
MG MG F . 20.60 4.22 18.96
MG MG G . 19.28 -14.69 9.10
MG MG H . 6.69 -9.48 -29.58
MG MG I . -4.63 -23.58 -24.86
MG MG J . -11.11 3.68 3.61
#